data_5FYI
#
_entry.id   5FYI
#
_cell.length_a   100.450
_cell.length_b   148.830
_cell.length_c   57.060
_cell.angle_alpha   90.00
_cell.angle_beta   90.00
_cell.angle_gamma   90.00
#
_symmetry.space_group_name_H-M   'P 21 21 2'
#
loop_
_entity.id
_entity.type
_entity.pdbx_description
1 polymer 'LYSINE-SPECIFIC DEMETHYLASE 4A'
2 non-polymer 'NICKEL (II) ION'
3 non-polymer 'PYRUVIC ACID'
4 non-polymer 'DIMETHYL SULFOXIDE'
5 non-polymer 1,2-ETHANEDIOL
6 non-polymer 'ZINC ION'
7 non-polymer (2-hydroxyethoxy)acetaldehyde
8 water water
#
_entity_poly.entity_id   1
_entity_poly.type   'polypeptide(L)'
_entity_poly.pdbx_seq_one_letter_code
;MHHHHHHSSGVDLGTENLYFQSMASESETLNPSARIMTFYPTMEEFRNFSRYIAYIESQGAHRAGLAKVVPPKEWKPRAS
YDDIDDLVIPAPIQQLVTGQSGLFTQYNIQKKAMTVREFRKIANSDKYCTPRYSEFEELERKYWKNLTFNPPIYGADVNG
TLYEKHVDEWNIGRLRTILDLVEKESGITIEGVNTPYLYFGMWKTSFAWHTEDMDLYSINYLHFGEPKSWYSVPPEHGKR
LERLAKGFFPGSAQSCEAFLRHKMTLISPLMLKKYGIPFDKVTQEAGEFMITFPYGYHAGFNHGFNCAESTNFATRRWIE
YGKQAVLCSCRKDMVKISMDVFVRKFQPERYKLWKAGKDNTVIDHTLPTPEAAEFLKESEL
;
_entity_poly.pdbx_strand_id   A,B
#
loop_
_chem_comp.id
_chem_comp.type
_chem_comp.name
_chem_comp.formula
1KA non-polymer (2-hydroxyethoxy)acetaldehyde 'C4 H8 O3'
DMS non-polymer 'DIMETHYL SULFOXIDE' 'C2 H6 O S'
EDO non-polymer 1,2-ETHANEDIOL 'C2 H6 O2'
NI non-polymer 'NICKEL (II) ION' 'Ni 2'
PYR non-polymer 'PYRUVIC ACID' 'C3 H4 O3'
ZN non-polymer 'ZINC ION' 'Zn 2'
#
# COMPACT_ATOMS: atom_id res chain seq x y z
N GLU A 26 6.37 -10.86 -19.61
CA GLU A 26 5.43 -10.98 -20.71
C GLU A 26 3.98 -10.74 -20.26
N SER A 27 3.57 -11.45 -19.20
CA SER A 27 2.27 -11.22 -18.57
C SER A 27 2.42 -10.07 -17.59
N GLU A 28 3.67 -9.85 -17.17
CA GLU A 28 4.05 -8.68 -16.39
C GLU A 28 3.60 -7.41 -17.12
N THR A 29 3.54 -7.50 -18.45
CA THR A 29 3.28 -6.37 -19.33
C THR A 29 1.79 -6.20 -19.66
N LEU A 30 0.96 -7.13 -19.18
CA LEU A 30 -0.49 -7.06 -19.36
C LEU A 30 -1.17 -6.50 -18.09
N ASN A 31 -2.02 -5.49 -18.28
CA ASN A 31 -2.60 -4.74 -17.16
C ASN A 31 -1.55 -4.35 -16.11
N PRO A 32 -0.57 -3.53 -16.51
CA PRO A 32 0.58 -3.15 -15.68
C PRO A 32 0.12 -2.35 -14.46
N SER A 33 -1.01 -1.67 -14.60
CA SER A 33 -1.60 -0.92 -13.50
C SER A 33 -2.51 -1.76 -12.60
N ALA A 34 -2.70 -3.04 -12.95
CA ALA A 34 -3.58 -3.91 -12.17
C ALA A 34 -4.92 -3.22 -11.93
N ARG A 35 -5.45 -2.58 -12.97
CA ARG A 35 -6.72 -1.86 -12.86
C ARG A 35 -7.91 -2.76 -13.16
N ILE A 36 -9.05 -2.48 -12.54
CA ILE A 36 -10.26 -3.26 -12.79
C ILE A 36 -10.71 -3.13 -14.24
N MET A 37 -10.75 -4.25 -14.97
CA MET A 37 -11.14 -4.23 -16.38
C MET A 37 -12.59 -4.62 -16.58
N THR A 38 -13.17 -4.16 -17.68
CA THR A 38 -14.57 -4.42 -18.00
C THR A 38 -14.66 -5.10 -19.37
N PHE A 39 -15.49 -6.14 -19.48
CA PHE A 39 -15.56 -6.87 -20.74
C PHE A 39 -16.97 -6.93 -21.28
N TYR A 40 -17.06 -6.89 -22.60
CA TYR A 40 -18.33 -6.93 -23.30
C TYR A 40 -18.29 -8.07 -24.31
N PRO A 41 -18.36 -9.31 -23.82
CA PRO A 41 -18.23 -10.46 -24.69
C PRO A 41 -19.39 -10.54 -25.67
N THR A 42 -19.12 -11.04 -26.86
CA THR A 42 -20.17 -11.43 -27.78
C THR A 42 -20.88 -12.65 -27.24
N MET A 43 -22.02 -13.00 -27.81
CA MET A 43 -22.77 -14.19 -27.40
C MET A 43 -22.00 -15.48 -27.67
N GLU A 44 -21.17 -15.47 -28.73
CA GLU A 44 -20.34 -16.62 -29.07
C GLU A 44 -19.21 -16.76 -28.05
N GLU A 45 -18.75 -15.62 -27.54
CA GLU A 45 -17.71 -15.62 -26.51
C GLU A 45 -18.33 -16.03 -25.17
N PHE A 46 -19.59 -15.63 -24.96
CA PHE A 46 -20.26 -15.84 -23.69
C PHE A 46 -20.56 -17.30 -23.40
N ARG A 47 -20.64 -18.13 -24.44
CA ARG A 47 -21.16 -19.50 -24.29
C ARG A 47 -20.26 -20.46 -23.49
N ASN A 48 -18.94 -20.31 -23.61
CA ASN A 48 -18.02 -21.14 -22.85
C ASN A 48 -17.42 -20.38 -21.67
N PHE A 49 -17.90 -20.68 -20.47
CA PHE A 49 -17.53 -19.92 -19.29
C PHE A 49 -16.03 -19.96 -19.02
N SER A 50 -15.52 -21.16 -18.79
CA SER A 50 -14.10 -21.34 -18.49
C SER A 50 -13.21 -20.72 -19.55
N ARG A 51 -13.63 -20.82 -20.81
CA ARG A 51 -12.85 -20.27 -21.91
C ARG A 51 -12.74 -18.75 -21.78
N TYR A 52 -13.87 -18.08 -21.54
CA TYR A 52 -13.84 -16.63 -21.45
C TYR A 52 -13.08 -16.18 -20.20
N ILE A 53 -13.16 -16.95 -19.11
CA ILE A 53 -12.35 -16.64 -17.93
C ILE A 53 -10.87 -16.69 -18.26
N ALA A 54 -10.46 -17.73 -18.98
CA ALA A 54 -9.06 -17.83 -19.39
C ALA A 54 -8.68 -16.65 -20.30
N TYR A 55 -9.61 -16.24 -21.16
CA TYR A 55 -9.37 -15.11 -22.05
C TYR A 55 -9.11 -13.82 -21.26
N ILE A 56 -10.01 -13.47 -20.35
CA ILE A 56 -9.85 -12.21 -19.63
C ILE A 56 -8.54 -12.23 -18.83
N GLU A 57 -8.10 -13.42 -18.43
CA GLU A 57 -6.81 -13.57 -17.77
C GLU A 57 -5.67 -13.38 -18.78
N SER A 58 -5.88 -13.78 -20.03
CA SER A 58 -4.85 -13.56 -21.04
C SER A 58 -4.67 -12.05 -21.24
N GLN A 59 -5.72 -11.30 -20.93
CA GLN A 59 -5.72 -9.84 -20.99
C GLN A 59 -5.28 -9.16 -19.68
N GLY A 60 -4.88 -9.96 -18.69
CA GLY A 60 -4.37 -9.43 -17.42
C GLY A 60 -5.43 -8.95 -16.42
N ALA A 61 -6.68 -9.32 -16.64
CA ALA A 61 -7.77 -8.88 -15.77
C ALA A 61 -7.55 -9.34 -14.33
N HIS A 62 -6.92 -10.49 -14.15
CA HIS A 62 -6.81 -11.10 -12.83
C HIS A 62 -5.92 -10.31 -11.93
N ARG A 63 -5.02 -9.53 -12.51
CA ARG A 63 -4.06 -8.73 -11.73
C ARG A 63 -4.78 -7.72 -10.87
N ALA A 64 -5.97 -7.33 -11.28
CA ALA A 64 -6.76 -6.41 -10.47
C ALA A 64 -7.46 -7.09 -9.28
N GLY A 65 -7.63 -8.43 -9.35
CA GLY A 65 -8.36 -9.18 -8.35
C GLY A 65 -9.86 -9.17 -8.61
N LEU A 66 -10.29 -8.33 -9.53
CA LEU A 66 -11.71 -8.10 -9.78
C LEU A 66 -11.89 -7.64 -11.23
N ALA A 67 -12.96 -8.11 -11.87
CA ALA A 67 -13.26 -7.74 -13.25
C ALA A 67 -14.77 -7.72 -13.45
N LYS A 68 -15.24 -6.78 -14.26
CA LYS A 68 -16.65 -6.74 -14.60
C LYS A 68 -16.86 -7.40 -15.95
N VAL A 69 -17.92 -8.18 -16.08
CA VAL A 69 -18.27 -8.71 -17.38
C VAL A 69 -19.71 -8.38 -17.70
N VAL A 70 -19.91 -7.58 -18.74
CA VAL A 70 -21.25 -7.20 -19.16
C VAL A 70 -21.70 -8.17 -20.24
N PRO A 71 -22.72 -8.97 -19.93
CA PRO A 71 -23.21 -9.99 -20.86
C PRO A 71 -23.91 -9.35 -22.05
N PRO A 72 -23.98 -10.06 -23.19
CA PRO A 72 -24.72 -9.56 -24.36
C PRO A 72 -26.15 -9.20 -23.98
N LYS A 73 -26.67 -8.10 -24.53
CA LYS A 73 -28.02 -7.65 -24.17
C LYS A 73 -29.06 -8.67 -24.62
N GLU A 74 -28.68 -9.50 -25.58
CA GLU A 74 -29.55 -10.56 -26.07
C GLU A 74 -29.84 -11.61 -24.99
N TRP A 75 -29.09 -11.57 -23.89
CA TRP A 75 -29.10 -12.62 -22.89
C TRP A 75 -29.88 -12.26 -21.62
N LYS A 76 -30.56 -13.25 -21.03
CA LYS A 76 -31.19 -13.08 -19.73
C LYS A 76 -31.29 -14.42 -19.00
N PRO A 77 -30.97 -14.42 -17.70
CA PRO A 77 -31.00 -15.63 -16.87
C PRO A 77 -32.42 -16.01 -16.46
N ARG A 78 -33.33 -15.05 -16.54
CA ARG A 78 -34.69 -15.32 -16.10
C ARG A 78 -35.64 -14.44 -16.89
N ALA A 79 -36.87 -14.90 -17.07
CA ALA A 79 -37.85 -14.11 -17.81
C ALA A 79 -38.36 -12.98 -16.93
N SER A 80 -38.68 -13.28 -15.67
CA SER A 80 -39.23 -12.25 -14.80
C SER A 80 -39.09 -12.56 -13.30
N TYR A 81 -38.94 -11.50 -12.51
CA TYR A 81 -38.70 -11.64 -11.08
C TYR A 81 -39.92 -11.20 -10.26
N ASP A 82 -41.09 -11.75 -10.56
CA ASP A 82 -42.31 -11.28 -9.89
C ASP A 82 -42.94 -12.30 -8.95
N ASP A 83 -42.48 -13.55 -9.02
CA ASP A 83 -43.01 -14.60 -8.16
C ASP A 83 -42.25 -14.69 -6.84
N ILE A 84 -41.28 -13.81 -6.62
CA ILE A 84 -40.35 -14.07 -5.53
C ILE A 84 -40.65 -13.30 -4.25
N ASP A 85 -41.78 -12.63 -4.20
CA ASP A 85 -42.14 -11.88 -3.00
C ASP A 85 -42.40 -12.88 -1.87
N ASP A 86 -42.69 -14.11 -2.25
CA ASP A 86 -43.01 -15.14 -1.28
C ASP A 86 -41.78 -15.96 -0.88
N LEU A 87 -40.67 -15.78 -1.58
CA LEU A 87 -39.43 -16.49 -1.23
C LEU A 87 -39.00 -16.12 0.19
N VAL A 88 -38.67 -17.13 0.97
CA VAL A 88 -38.31 -16.93 2.35
C VAL A 88 -36.81 -16.66 2.51
N ILE A 89 -36.47 -15.64 3.30
CA ILE A 89 -35.11 -15.39 3.74
C ILE A 89 -34.96 -15.91 5.15
N PRO A 90 -34.43 -17.12 5.30
CA PRO A 90 -34.48 -17.83 6.58
C PRO A 90 -33.69 -17.10 7.68
N ALA A 91 -32.66 -16.37 7.29
CA ALA A 91 -31.71 -15.83 8.24
C ALA A 91 -31.28 -14.41 7.90
N PRO A 92 -32.22 -13.46 7.96
CA PRO A 92 -31.83 -12.07 7.75
C PRO A 92 -30.79 -11.65 8.79
N ILE A 93 -29.87 -10.79 8.39
CA ILE A 93 -28.79 -10.39 9.28
C ILE A 93 -28.84 -8.90 9.49
N GLN A 94 -28.92 -8.44 10.74
CA GLN A 94 -28.79 -7.01 10.98
C GLN A 94 -27.31 -6.66 11.21
N GLN A 95 -26.83 -5.68 10.46
CA GLN A 95 -25.41 -5.37 10.46
C GLN A 95 -25.07 -4.22 11.38
N LEU A 96 -24.60 -4.54 12.57
CA LEU A 96 -24.08 -3.51 13.44
C LEU A 96 -22.60 -3.25 13.22
N VAL A 97 -22.26 -1.98 13.07
CA VAL A 97 -20.90 -1.61 12.75
C VAL A 97 -20.36 -0.67 13.82
N THR A 98 -19.20 -1.02 14.36
CA THR A 98 -18.50 -0.21 15.34
C THR A 98 -17.13 0.21 14.83
N GLY A 99 -16.72 1.44 15.14
CA GLY A 99 -15.42 1.93 14.71
C GLY A 99 -15.40 3.42 14.44
N GLN A 100 -14.28 3.88 13.90
CA GLN A 100 -14.05 5.31 13.64
C GLN A 100 -12.81 5.43 12.76
N SER A 101 -12.67 6.57 12.10
CA SER A 101 -11.44 6.89 11.39
C SER A 101 -11.08 5.84 10.34
N GLY A 102 -12.06 5.40 9.55
CA GLY A 102 -11.82 4.47 8.48
C GLY A 102 -11.68 3.00 8.83
N LEU A 103 -11.71 2.67 10.12
CA LEU A 103 -11.59 1.29 10.60
C LEU A 103 -12.80 0.82 11.38
N PHE A 104 -13.40 -0.28 10.94
CA PHE A 104 -14.64 -0.74 11.52
C PHE A 104 -14.67 -2.25 11.66
N THR A 105 -15.43 -2.74 12.63
CA THR A 105 -15.71 -4.14 12.79
C THR A 105 -17.23 -4.30 12.76
N GLN A 106 -17.68 -5.23 11.92
CA GLN A 106 -19.09 -5.41 11.68
C GLN A 106 -19.59 -6.66 12.38
N TYR A 107 -20.62 -6.49 13.21
CA TYR A 107 -21.22 -7.60 13.92
C TYR A 107 -22.57 -7.98 13.29
N ASN A 108 -22.83 -9.28 13.21
CA ASN A 108 -24.09 -9.75 12.64
C ASN A 108 -25.10 -10.07 13.74
N ILE A 109 -26.28 -9.47 13.63
CA ILE A 109 -27.40 -9.80 14.51
C ILE A 109 -28.44 -10.49 13.66
N GLN A 110 -28.66 -11.78 13.91
CA GLN A 110 -29.61 -12.48 13.08
C GLN A 110 -31.03 -12.15 13.49
N LYS A 111 -31.84 -11.80 12.50
CA LYS A 111 -33.24 -11.50 12.73
C LYS A 111 -34.04 -12.74 12.36
N LYS A 112 -35.29 -12.79 12.78
CA LYS A 112 -36.12 -13.95 12.47
C LYS A 112 -36.43 -13.94 10.98
N ALA A 113 -36.79 -15.11 10.46
CA ALA A 113 -36.98 -15.27 9.03
C ALA A 113 -38.02 -14.30 8.50
N MET A 114 -37.94 -14.01 7.22
CA MET A 114 -38.89 -13.11 6.60
C MET A 114 -38.88 -13.37 5.13
N THR A 115 -39.98 -12.99 4.50
CA THR A 115 -40.19 -13.17 3.08
C THR A 115 -39.62 -11.96 2.36
N VAL A 116 -39.39 -12.09 1.06
CA VAL A 116 -38.81 -11.01 0.29
C VAL A 116 -39.61 -9.71 0.31
N ARG A 117 -40.91 -9.77 0.03
CA ARG A 117 -41.73 -8.57 0.01
C ARG A 117 -41.60 -7.84 1.35
N GLU A 118 -41.55 -8.61 2.43
CA GLU A 118 -41.32 -8.04 3.75
C GLU A 118 -40.00 -7.30 3.81
N PHE A 119 -38.95 -7.93 3.27
CA PHE A 119 -37.63 -7.31 3.23
C PHE A 119 -37.69 -6.02 2.45
N ARG A 120 -38.19 -6.13 1.23
CA ARG A 120 -38.35 -5.01 0.29
C ARG A 120 -39.10 -3.84 0.95
N LYS A 121 -40.13 -4.16 1.72
CA LYS A 121 -40.92 -3.15 2.41
C LYS A 121 -40.04 -2.41 3.43
N ILE A 122 -39.29 -3.16 4.22
CA ILE A 122 -38.36 -2.55 5.15
C ILE A 122 -37.27 -1.76 4.41
N ALA A 123 -36.78 -2.32 3.30
CA ALA A 123 -35.70 -1.71 2.52
C ALA A 123 -36.06 -0.33 1.97
N ASN A 124 -37.28 -0.21 1.45
CA ASN A 124 -37.73 1.02 0.82
C ASN A 124 -38.42 1.95 1.81
N SER A 125 -38.67 1.45 3.02
CA SER A 125 -39.15 2.28 4.11
C SER A 125 -38.31 3.55 4.28
N ASP A 126 -38.91 4.55 4.90
CA ASP A 126 -38.25 5.85 5.06
C ASP A 126 -36.97 5.72 5.90
N LYS A 127 -37.01 4.84 6.90
CA LYS A 127 -35.88 4.65 7.79
C LYS A 127 -34.66 4.10 7.04
N TYR A 128 -34.88 3.13 6.15
CA TYR A 128 -33.76 2.38 5.56
C TYR A 128 -33.44 2.65 4.10
N CYS A 129 -34.20 3.51 3.44
CA CYS A 129 -34.00 3.73 1.99
C CYS A 129 -32.80 4.61 1.69
N THR A 130 -32.38 4.58 0.42
CA THR A 130 -31.25 5.36 -0.10
C THR A 130 -31.40 6.87 0.01
N PRO A 131 -30.32 7.57 0.39
CA PRO A 131 -30.35 9.04 0.33
C PRO A 131 -30.23 9.58 -1.09
N ARG A 132 -30.65 10.83 -1.28
CA ARG A 132 -30.53 11.53 -2.55
C ARG A 132 -29.08 11.95 -2.76
N TYR A 133 -28.62 11.91 -4.01
CA TYR A 133 -27.24 12.25 -4.33
C TYR A 133 -27.04 12.58 -5.81
N SER A 134 -25.94 13.26 -6.12
CA SER A 134 -25.61 13.62 -7.51
C SER A 134 -24.64 12.60 -8.13
N GLU A 135 -23.35 12.78 -7.86
CA GLU A 135 -22.35 11.86 -8.36
C GLU A 135 -22.10 10.74 -7.35
N PHE A 136 -21.54 9.63 -7.83
CA PHE A 136 -21.28 8.48 -6.97
C PHE A 136 -20.39 8.82 -5.78
N GLU A 137 -19.43 9.72 -6.00
CA GLU A 137 -18.50 10.10 -4.96
C GLU A 137 -19.24 10.58 -3.72
N GLU A 138 -20.45 11.10 -3.93
CA GLU A 138 -21.28 11.63 -2.86
C GLU A 138 -21.95 10.52 -2.06
N LEU A 139 -22.53 9.54 -2.76
CA LEU A 139 -23.13 8.40 -2.11
C LEU A 139 -22.08 7.61 -1.32
N GLU A 140 -20.89 7.51 -1.91
CA GLU A 140 -19.76 6.82 -1.29
C GLU A 140 -19.33 7.48 0.01
N ARG A 141 -19.19 8.80 -0.03
CA ARG A 141 -18.84 9.59 1.15
C ARG A 141 -19.88 9.41 2.26
N LYS A 142 -21.15 9.36 1.86
CA LYS A 142 -22.24 9.19 2.82
C LYS A 142 -22.22 7.79 3.45
N TYR A 143 -21.86 6.79 2.65
CA TYR A 143 -21.73 5.43 3.15
C TYR A 143 -20.74 5.40 4.30
N TRP A 144 -19.55 5.95 4.08
CA TRP A 144 -18.49 5.88 5.06
C TRP A 144 -18.71 6.81 6.25
N LYS A 145 -19.57 7.81 6.08
CA LYS A 145 -19.92 8.70 7.18
C LYS A 145 -21.00 8.07 8.08
N ASN A 146 -21.94 7.32 7.50
CA ASN A 146 -23.09 6.81 8.27
C ASN A 146 -23.12 5.30 8.52
N LEU A 147 -22.01 4.65 8.20
CA LEU A 147 -21.83 3.20 8.31
C LEU A 147 -22.24 2.64 9.67
N THR A 148 -21.91 3.37 10.72
CA THR A 148 -22.15 2.88 12.07
C THR A 148 -23.55 3.24 12.60
N PHE A 149 -24.33 3.99 11.82
CA PHE A 149 -25.68 4.43 12.23
C PHE A 149 -26.81 3.63 11.56
N ASN A 150 -27.96 3.51 12.23
CA ASN A 150 -29.14 2.90 11.62
C ASN A 150 -28.88 1.55 10.95
N PRO A 151 -28.45 0.56 11.74
CA PRO A 151 -28.00 -0.73 11.20
C PRO A 151 -29.02 -1.38 10.27
N PRO A 152 -28.60 -1.66 9.04
CA PRO A 152 -29.50 -2.23 8.05
C PRO A 152 -29.67 -3.72 8.23
N ILE A 153 -30.54 -4.30 7.42
CA ILE A 153 -30.73 -5.74 7.45
C ILE A 153 -30.28 -6.26 6.09
N TYR A 154 -29.51 -7.34 6.09
CA TYR A 154 -29.00 -7.93 4.85
C TYR A 154 -29.62 -9.31 4.70
N GLY A 155 -30.25 -9.54 3.54
CA GLY A 155 -30.86 -10.82 3.24
C GLY A 155 -29.83 -11.77 2.66
N ALA A 156 -28.91 -12.19 3.51
CA ALA A 156 -27.68 -12.84 3.04
C ALA A 156 -27.72 -14.35 3.10
N ASP A 157 -26.87 -14.95 2.27
CA ASP A 157 -26.62 -16.39 2.31
C ASP A 157 -27.91 -17.19 2.14
N VAL A 158 -28.71 -16.80 1.15
CA VAL A 158 -29.94 -17.53 0.89
C VAL A 158 -29.70 -18.60 -0.17
N ASN A 159 -29.83 -19.85 0.23
CA ASN A 159 -29.65 -20.98 -0.69
C ASN A 159 -30.61 -20.94 -1.85
N GLY A 160 -30.07 -20.97 -3.05
CA GLY A 160 -30.91 -21.02 -4.23
C GLY A 160 -30.39 -20.23 -5.40
N THR A 161 -31.15 -20.30 -6.48
CA THR A 161 -30.80 -19.67 -7.72
C THR A 161 -32.03 -18.97 -8.29
N LEU A 162 -31.80 -17.97 -9.13
CA LEU A 162 -32.88 -17.32 -9.84
C LEU A 162 -32.76 -17.57 -11.34
N TYR A 163 -31.83 -18.45 -11.72
CA TYR A 163 -31.69 -18.82 -13.13
C TYR A 163 -32.84 -19.72 -13.58
N GLU A 164 -33.25 -19.56 -14.84
CA GLU A 164 -34.24 -20.46 -15.43
C GLU A 164 -33.53 -21.79 -15.73
N LYS A 165 -34.22 -22.91 -15.50
CA LYS A 165 -33.61 -24.24 -15.54
C LYS A 165 -32.80 -24.55 -16.80
N HIS A 166 -33.09 -23.84 -17.90
CA HIS A 166 -32.49 -24.15 -19.19
C HIS A 166 -31.39 -23.18 -19.64
N VAL A 167 -31.13 -22.12 -18.88
CA VAL A 167 -30.05 -21.20 -19.24
C VAL A 167 -28.68 -21.89 -19.11
N ASP A 168 -27.96 -22.00 -20.23
CA ASP A 168 -26.69 -22.75 -20.24
C ASP A 168 -25.44 -21.87 -20.30
N GLU A 169 -25.64 -20.57 -20.32
CA GLU A 169 -24.51 -19.65 -20.36
C GLU A 169 -24.37 -18.99 -19.00
N TRP A 170 -23.18 -19.12 -18.41
CA TRP A 170 -22.85 -18.51 -17.14
C TRP A 170 -23.89 -18.79 -16.06
N ASN A 171 -24.36 -20.03 -16.03
CA ASN A 171 -25.30 -20.44 -15.00
C ASN A 171 -24.58 -20.76 -13.70
N ILE A 172 -24.79 -19.91 -12.71
CA ILE A 172 -24.09 -19.97 -11.43
C ILE A 172 -24.33 -21.31 -10.71
N GLY A 173 -25.46 -21.93 -11.05
CA GLY A 173 -25.77 -23.25 -10.52
C GLY A 173 -24.97 -24.38 -11.15
N ARG A 174 -24.41 -24.17 -12.33
CA ARG A 174 -23.68 -25.27 -12.99
C ARG A 174 -22.66 -24.79 -14.03
N LEU A 175 -21.60 -24.14 -13.56
CA LEU A 175 -20.58 -23.54 -14.43
C LEU A 175 -19.59 -24.55 -14.99
N ARG A 176 -19.58 -25.74 -14.40
CA ARG A 176 -18.76 -26.87 -14.86
C ARG A 176 -17.24 -26.63 -14.85
N THR A 177 -16.73 -25.96 -13.83
CA THR A 177 -15.28 -25.82 -13.70
C THR A 177 -14.75 -26.97 -12.89
N ILE A 178 -13.44 -27.02 -12.70
CA ILE A 178 -12.85 -28.12 -11.95
C ILE A 178 -13.19 -28.09 -10.45
N LEU A 179 -13.82 -27.04 -9.95
CA LEU A 179 -14.29 -27.06 -8.55
C LEU A 179 -15.28 -28.21 -8.40
N ASP A 180 -15.93 -28.60 -9.50
CA ASP A 180 -16.84 -29.75 -9.49
C ASP A 180 -16.15 -31.01 -9.01
N LEU A 181 -14.83 -31.07 -9.04
CA LEU A 181 -14.13 -32.26 -8.55
C LEU A 181 -14.35 -32.56 -7.07
N VAL A 182 -14.71 -31.54 -6.30
CA VAL A 182 -14.94 -31.74 -4.88
C VAL A 182 -16.19 -32.58 -4.62
N GLU A 183 -17.31 -32.16 -5.19
CA GLU A 183 -18.56 -32.91 -4.98
C GLU A 183 -18.43 -34.25 -5.71
N LYS A 184 -17.80 -34.23 -6.87
CA LYS A 184 -17.70 -35.42 -7.72
C LYS A 184 -16.94 -36.52 -7.01
N GLU A 185 -15.83 -36.18 -6.37
CA GLU A 185 -15.03 -37.20 -5.70
C GLU A 185 -15.48 -37.58 -4.29
N SER A 186 -16.08 -36.65 -3.56
CA SER A 186 -16.38 -36.87 -2.14
C SER A 186 -17.85 -36.75 -1.76
N GLY A 187 -18.67 -36.24 -2.68
CA GLY A 187 -20.08 -36.00 -2.42
C GLY A 187 -20.33 -34.76 -1.57
N ILE A 188 -19.27 -34.05 -1.19
CA ILE A 188 -19.44 -32.93 -0.27
C ILE A 188 -19.90 -31.67 -0.96
N THR A 189 -20.95 -31.06 -0.40
CA THR A 189 -21.36 -29.76 -0.87
C THR A 189 -21.15 -28.75 0.26
N ILE A 190 -20.71 -27.56 -0.14
CA ILE A 190 -20.38 -26.48 0.75
C ILE A 190 -21.23 -25.29 0.29
N GLU A 191 -22.22 -24.92 1.11
CA GLU A 191 -23.19 -23.90 0.72
C GLU A 191 -22.54 -22.57 0.37
N GLY A 192 -22.86 -22.06 -0.82
CA GLY A 192 -22.30 -20.82 -1.31
C GLY A 192 -20.98 -20.99 -2.06
N VAL A 193 -20.34 -22.13 -1.89
CA VAL A 193 -19.02 -22.38 -2.49
C VAL A 193 -19.13 -23.25 -3.74
N ASN A 194 -19.66 -24.46 -3.63
CA ASN A 194 -20.01 -25.18 -4.85
C ASN A 194 -21.55 -25.31 -4.97
N THR A 195 -22.28 -24.39 -4.32
CA THR A 195 -23.73 -24.19 -4.54
C THR A 195 -24.05 -22.68 -4.58
N PRO A 196 -25.19 -22.28 -5.17
CA PRO A 196 -25.43 -20.83 -5.26
C PRO A 196 -25.98 -20.23 -3.98
N TYR A 197 -25.65 -18.96 -3.76
CA TYR A 197 -26.23 -18.14 -2.71
C TYR A 197 -26.92 -16.94 -3.32
N LEU A 198 -27.98 -16.51 -2.67
CA LEU A 198 -28.70 -15.32 -3.13
C LEU A 198 -28.54 -14.29 -2.06
N TYR A 199 -28.38 -13.03 -2.46
CA TYR A 199 -28.17 -11.94 -1.50
C TYR A 199 -29.14 -10.80 -1.75
N PHE A 200 -30.05 -10.58 -0.81
CA PHE A 200 -30.95 -9.43 -0.87
C PHE A 200 -30.39 -8.27 -0.05
N GLY A 201 -30.03 -7.19 -0.72
CA GLY A 201 -29.43 -6.06 -0.04
C GLY A 201 -30.38 -4.88 0.12
N MET A 202 -30.03 -3.96 1.02
CA MET A 202 -30.66 -2.66 1.08
C MET A 202 -29.53 -1.65 1.19
N TRP A 203 -29.85 -0.38 1.24
CA TRP A 203 -28.83 0.65 1.34
C TRP A 203 -27.93 0.43 2.54
N LYS A 204 -26.63 0.64 2.35
CA LYS A 204 -25.67 0.68 3.44
C LYS A 204 -25.37 -0.72 4.00
N THR A 205 -25.95 -1.79 3.42
CA THR A 205 -25.51 -3.16 3.75
C THR A 205 -24.14 -3.42 3.11
N SER A 206 -23.28 -4.12 3.84
CA SER A 206 -21.85 -4.19 3.49
C SER A 206 -21.31 -5.60 3.33
N PHE A 207 -20.28 -5.76 2.50
CA PHE A 207 -19.46 -6.97 2.61
C PHE A 207 -18.01 -6.56 2.92
N ALA A 208 -17.48 -7.16 3.98
CA ALA A 208 -16.19 -6.78 4.55
C ALA A 208 -15.05 -7.29 3.68
N TRP A 209 -13.85 -6.77 3.93
CA TRP A 209 -12.68 -7.16 3.18
C TRP A 209 -12.39 -8.65 3.38
N HIS A 210 -12.26 -9.38 2.26
CA HIS A 210 -11.93 -10.80 2.31
C HIS A 210 -11.50 -11.29 0.94
N THR A 211 -10.80 -12.42 0.91
CA THR A 211 -10.72 -13.23 -0.30
C THR A 211 -11.66 -14.40 -0.11
N GLU A 212 -11.85 -15.19 -1.16
CA GLU A 212 -12.81 -16.29 -1.08
C GLU A 212 -12.25 -17.43 -0.21
N ASP A 213 -13.12 -18.33 0.23
CA ASP A 213 -12.66 -19.55 0.88
C ASP A 213 -11.63 -20.29 0.00
N MET A 214 -10.58 -20.81 0.62
CA MET A 214 -9.51 -21.52 -0.12
C MET A 214 -8.90 -20.63 -1.22
N ASP A 215 -9.13 -19.32 -1.09
CA ASP A 215 -8.72 -18.35 -2.09
C ASP A 215 -9.15 -18.70 -3.50
N LEU A 216 -10.38 -19.21 -3.61
CA LEU A 216 -11.03 -19.49 -4.88
C LEU A 216 -11.41 -18.21 -5.64
N TYR A 217 -11.88 -18.40 -6.87
CA TYR A 217 -12.62 -17.40 -7.62
C TYR A 217 -14.04 -17.29 -7.09
N SER A 218 -14.67 -16.14 -7.33
CA SER A 218 -16.13 -16.10 -7.23
C SER A 218 -16.74 -15.41 -8.45
N ILE A 219 -18.02 -15.69 -8.68
CA ILE A 219 -18.82 -15.02 -9.69
C ILE A 219 -20.01 -14.41 -8.97
N ASN A 220 -20.36 -13.18 -9.34
CA ASN A 220 -21.47 -12.48 -8.71
C ASN A 220 -22.34 -11.83 -9.79
N TYR A 221 -23.62 -12.21 -9.84
CA TYR A 221 -24.57 -11.64 -10.79
C TYR A 221 -25.60 -10.79 -10.07
N LEU A 222 -25.75 -9.54 -10.46
CA LEU A 222 -26.75 -8.70 -9.83
C LEU A 222 -28.06 -8.80 -10.61
N HIS A 223 -28.98 -9.62 -10.11
CA HIS A 223 -30.23 -9.89 -10.81
C HIS A 223 -31.05 -8.62 -11.04
N PHE A 224 -31.28 -7.86 -9.99
CA PHE A 224 -32.07 -6.63 -10.10
C PHE A 224 -31.86 -5.66 -8.94
N GLY A 225 -32.23 -4.40 -9.15
CA GLY A 225 -32.25 -3.44 -8.05
C GLY A 225 -31.14 -2.43 -8.15
N GLU A 226 -30.90 -1.73 -7.05
CA GLU A 226 -29.88 -0.68 -7.04
C GLU A 226 -28.45 -1.24 -7.13
N PRO A 227 -27.49 -0.40 -7.51
CA PRO A 227 -26.15 -0.97 -7.72
C PRO A 227 -25.46 -1.48 -6.45
N LYS A 228 -24.40 -2.24 -6.69
CA LYS A 228 -23.47 -2.72 -5.66
C LYS A 228 -22.09 -2.17 -6.01
N SER A 229 -21.47 -1.44 -5.09
CA SER A 229 -20.14 -0.94 -5.32
C SER A 229 -19.09 -1.81 -4.64
N TRP A 230 -17.93 -1.92 -5.31
CA TRP A 230 -16.83 -2.80 -4.95
C TRP A 230 -15.54 -2.06 -4.80
N TYR A 231 -14.72 -2.48 -3.84
CA TYR A 231 -13.32 -2.10 -3.80
C TYR A 231 -12.50 -3.38 -4.00
N SER A 232 -11.29 -3.25 -4.54
CA SER A 232 -10.44 -4.41 -4.73
CA SER A 232 -10.43 -4.42 -4.71
C SER A 232 -8.95 -4.09 -4.57
N VAL A 233 -8.21 -5.01 -3.98
CA VAL A 233 -6.77 -4.89 -3.88
C VAL A 233 -6.12 -5.98 -4.75
N PRO A 234 -5.17 -5.60 -5.62
CA PRO A 234 -4.49 -6.57 -6.48
C PRO A 234 -3.89 -7.73 -5.67
N PRO A 235 -4.06 -8.99 -6.14
CA PRO A 235 -3.44 -10.12 -5.43
C PRO A 235 -1.97 -9.89 -5.13
N GLU A 236 -1.25 -9.26 -6.07
CA GLU A 236 0.17 -9.06 -5.87
C GLU A 236 0.43 -8.05 -4.74
N HIS A 237 -0.60 -7.33 -4.30
CA HIS A 237 -0.45 -6.48 -3.11
C HIS A 237 -1.26 -6.97 -1.89
N GLY A 238 -1.87 -8.14 -2.01
CA GLY A 238 -2.66 -8.71 -0.92
C GLY A 238 -1.95 -8.75 0.41
N LYS A 239 -0.69 -9.18 0.41
CA LYS A 239 0.04 -9.30 1.66
C LYS A 239 0.22 -7.98 2.36
N ARG A 240 0.29 -6.87 1.59
CA ARG A 240 0.45 -5.56 2.20
CA ARG A 240 0.48 -5.59 2.23
C ARG A 240 -0.81 -5.18 2.96
N LEU A 241 -1.97 -5.49 2.38
CA LEU A 241 -3.26 -5.24 3.04
C LEU A 241 -3.34 -6.02 4.36
N GLU A 242 -2.95 -7.29 4.31
CA GLU A 242 -2.92 -8.13 5.50
C GLU A 242 -2.02 -7.56 6.60
N ARG A 243 -0.85 -7.06 6.23
N ARG A 243 -0.82 -7.08 6.24
CA ARG A 243 0.06 -6.52 7.24
CA ARG A 243 0.10 -6.46 7.20
C ARG A 243 -0.50 -5.24 7.87
C ARG A 243 -0.54 -5.26 7.88
N LEU A 244 -1.19 -4.42 7.07
CA LEU A 244 -1.91 -3.25 7.59
C LEU A 244 -3.02 -3.71 8.57
N ALA A 245 -3.80 -4.69 8.14
CA ALA A 245 -4.95 -5.13 8.92
C ALA A 245 -4.48 -5.71 10.25
N LYS A 246 -3.39 -6.47 10.23
CA LYS A 246 -2.80 -7.01 11.46
C LYS A 246 -2.36 -5.93 12.43
N GLY A 247 -1.81 -4.85 11.90
CA GLY A 247 -1.36 -3.72 12.69
C GLY A 247 -2.51 -2.97 13.29
N PHE A 248 -3.59 -2.83 12.52
CA PHE A 248 -4.74 -2.13 13.06
C PHE A 248 -5.63 -2.99 13.94
N PHE A 249 -5.53 -4.31 13.83
CA PHE A 249 -6.31 -5.21 14.69
C PHE A 249 -5.45 -6.31 15.32
N PRO A 250 -4.51 -5.92 16.21
CA PRO A 250 -3.54 -6.87 16.74
C PRO A 250 -4.15 -8.01 17.57
N GLY A 251 -5.22 -7.71 18.30
CA GLY A 251 -5.89 -8.73 19.08
C GLY A 251 -6.48 -9.83 18.21
N SER A 252 -7.22 -9.45 17.18
CA SER A 252 -7.76 -10.46 16.26
C SER A 252 -6.64 -11.20 15.54
N ALA A 253 -5.59 -10.50 15.15
CA ALA A 253 -4.48 -11.17 14.48
C ALA A 253 -3.87 -12.21 15.39
N GLN A 254 -3.70 -11.85 16.66
CA GLN A 254 -3.12 -12.79 17.63
C GLN A 254 -4.01 -14.03 17.77
N SER A 255 -5.32 -13.86 17.72
CA SER A 255 -6.26 -14.95 17.95
C SER A 255 -6.50 -15.87 16.74
N CYS A 256 -6.23 -15.38 15.54
CA CYS A 256 -6.52 -16.16 14.35
C CYS A 256 -5.53 -15.85 13.24
N GLU A 257 -5.08 -16.90 12.57
CA GLU A 257 -4.06 -16.77 11.54
C GLU A 257 -4.64 -16.10 10.30
N ALA A 258 -5.97 -15.99 10.23
CA ALA A 258 -6.59 -15.42 9.05
C ALA A 258 -7.89 -14.68 9.43
N PHE A 259 -7.80 -13.69 10.30
CA PHE A 259 -9.01 -13.12 10.89
C PHE A 259 -9.85 -12.37 9.86
N LEU A 260 -9.25 -11.96 8.74
CA LEU A 260 -10.05 -11.31 7.71
C LEU A 260 -11.13 -12.24 7.17
N ARG A 261 -10.90 -13.55 7.25
CA ARG A 261 -11.89 -14.53 6.77
C ARG A 261 -13.17 -14.51 7.62
N HIS A 262 -13.12 -13.89 8.79
CA HIS A 262 -14.35 -13.76 9.58
C HIS A 262 -15.32 -12.80 8.87
N LYS A 263 -14.83 -12.03 7.89
CA LYS A 263 -15.64 -11.08 7.14
CA LYS A 263 -15.62 -11.05 7.14
C LYS A 263 -16.33 -10.05 8.04
N MET A 264 -15.60 -9.55 9.04
CA MET A 264 -16.13 -8.54 9.95
C MET A 264 -15.37 -7.23 9.80
N THR A 265 -14.33 -7.19 8.97
CA THR A 265 -13.42 -6.03 8.98
C THR A 265 -13.63 -5.11 7.79
N LEU A 266 -14.01 -3.86 8.07
CA LEU A 266 -14.26 -2.87 7.04
C LEU A 266 -13.17 -1.82 7.11
N ILE A 267 -12.64 -1.46 5.95
CA ILE A 267 -11.57 -0.45 5.89
C ILE A 267 -11.84 0.48 4.74
N SER A 268 -11.96 1.78 5.03
CA SER A 268 -12.31 2.76 4.03
C SER A 268 -11.17 3.01 3.03
N PRO A 269 -11.53 3.44 1.82
CA PRO A 269 -10.52 3.75 0.80
C PRO A 269 -9.55 4.86 1.21
N LEU A 270 -10.00 5.86 1.98
CA LEU A 270 -9.07 6.91 2.46
C LEU A 270 -7.99 6.30 3.37
N MET A 271 -8.38 5.29 4.15
CA MET A 271 -7.40 4.62 5.01
C MET A 271 -6.40 3.85 4.16
N LEU A 272 -6.87 3.13 3.15
CA LEU A 272 -5.96 2.42 2.26
C LEU A 272 -5.01 3.41 1.60
N LYS A 273 -5.53 4.54 1.15
CA LYS A 273 -4.70 5.55 0.50
C LYS A 273 -3.65 6.04 1.46
N LYS A 274 -4.09 6.34 2.69
CA LYS A 274 -3.24 6.84 3.75
C LYS A 274 -2.02 5.92 3.98
N TYR A 275 -2.24 4.62 3.85
CA TYR A 275 -1.17 3.68 4.11
C TYR A 275 -0.58 3.05 2.83
N GLY A 276 -0.86 3.68 1.69
CA GLY A 276 -0.20 3.31 0.46
C GLY A 276 -0.54 1.93 -0.05
N ILE A 277 -1.75 1.45 0.25
CA ILE A 277 -2.24 0.19 -0.30
C ILE A 277 -2.89 0.43 -1.66
N PRO A 278 -2.36 -0.19 -2.71
CA PRO A 278 -3.00 -0.03 -4.02
C PRO A 278 -4.39 -0.65 -4.05
N PHE A 279 -5.35 0.02 -4.66
CA PHE A 279 -6.69 -0.53 -4.79
C PHE A 279 -7.43 0.14 -5.94
N ASP A 280 -8.54 -0.47 -6.36
CA ASP A 280 -9.39 0.13 -7.36
C ASP A 280 -10.83 0.02 -6.90
N LYS A 281 -11.73 0.74 -7.56
CA LYS A 281 -13.13 0.62 -7.21
C LYS A 281 -13.95 0.51 -8.47
N VAL A 282 -15.17 0.01 -8.33
CA VAL A 282 -16.04 -0.20 -9.48
C VAL A 282 -17.44 -0.36 -8.95
N THR A 283 -18.41 0.10 -9.72
CA THR A 283 -19.80 -0.05 -9.36
C THR A 283 -20.49 -1.02 -10.30
N GLN A 284 -21.17 -1.99 -9.71
CA GLN A 284 -21.82 -3.05 -10.45
C GLN A 284 -23.31 -2.77 -10.63
N GLU A 285 -23.77 -2.72 -11.89
CA GLU A 285 -25.17 -2.41 -12.17
C GLU A 285 -26.00 -3.68 -12.34
N ALA A 286 -27.32 -3.58 -12.20
CA ALA A 286 -28.20 -4.72 -12.42
C ALA A 286 -27.96 -5.33 -13.80
N GLY A 287 -27.94 -6.65 -13.88
CA GLY A 287 -27.69 -7.33 -15.15
C GLY A 287 -26.22 -7.48 -15.48
N GLU A 288 -25.35 -7.11 -14.54
CA GLU A 288 -23.91 -7.22 -14.73
C GLU A 288 -23.26 -8.31 -13.84
N PHE A 289 -22.19 -8.92 -14.35
CA PHE A 289 -21.40 -9.89 -13.61
C PHE A 289 -20.15 -9.26 -13.00
N MET A 290 -19.76 -9.70 -11.80
CA MET A 290 -18.40 -9.46 -11.30
C MET A 290 -17.67 -10.79 -11.14
N ILE A 291 -16.38 -10.80 -11.47
CA ILE A 291 -15.54 -11.96 -11.19
C ILE A 291 -14.49 -11.55 -10.16
N THR A 292 -14.32 -12.33 -9.09
CA THR A 292 -13.15 -12.08 -8.25
C THR A 292 -12.17 -13.20 -8.47
N PHE A 293 -10.87 -12.90 -8.34
CA PHE A 293 -9.82 -13.86 -8.65
C PHE A 293 -9.10 -14.36 -7.40
N PRO A 294 -8.39 -15.51 -7.50
CA PRO A 294 -7.74 -16.06 -6.32
C PRO A 294 -6.90 -15.02 -5.61
N TYR A 295 -7.12 -14.94 -4.31
CA TYR A 295 -6.38 -14.03 -3.45
C TYR A 295 -6.61 -12.55 -3.78
N GLY A 296 -7.72 -12.25 -4.44
CA GLY A 296 -8.14 -10.87 -4.64
C GLY A 296 -9.00 -10.40 -3.47
N TYR A 297 -8.45 -9.54 -2.63
CA TYR A 297 -9.23 -8.95 -1.55
C TYR A 297 -10.24 -7.97 -2.11
N HIS A 298 -11.47 -8.08 -1.62
CA HIS A 298 -12.53 -7.18 -2.03
C HIS A 298 -13.46 -6.89 -0.87
N ALA A 299 -14.18 -5.78 -1.01
CA ALA A 299 -15.16 -5.31 -0.04
C ALA A 299 -16.09 -4.36 -0.77
N GLY A 300 -17.20 -3.98 -0.13
CA GLY A 300 -18.13 -3.08 -0.76
C GLY A 300 -19.43 -2.88 0.01
N PHE A 301 -20.43 -2.33 -0.70
CA PHE A 301 -21.72 -2.05 -0.11
C PHE A 301 -22.80 -1.96 -1.18
N ASN A 302 -24.05 -2.19 -0.79
CA ASN A 302 -25.18 -2.02 -1.71
C ASN A 302 -25.81 -0.62 -1.64
N HIS A 303 -26.24 -0.11 -2.80
CA HIS A 303 -26.82 1.23 -2.91
C HIS A 303 -28.24 1.26 -2.39
N GLY A 304 -28.96 0.16 -2.57
CA GLY A 304 -30.33 0.09 -2.12
C GLY A 304 -30.85 -1.31 -2.27
N PHE A 305 -32.17 -1.45 -2.35
CA PHE A 305 -32.79 -2.76 -2.48
C PHE A 305 -32.29 -3.41 -3.77
N ASN A 306 -31.80 -4.65 -3.65
CA ASN A 306 -31.34 -5.41 -4.81
C ASN A 306 -31.27 -6.89 -4.50
N CYS A 307 -30.88 -7.67 -5.50
CA CYS A 307 -30.76 -9.11 -5.34
C CYS A 307 -29.58 -9.59 -6.14
N ALA A 308 -28.71 -10.36 -5.49
CA ALA A 308 -27.48 -10.84 -6.13
C ALA A 308 -27.34 -12.34 -5.92
N GLU A 309 -26.76 -13.00 -6.92
CA GLU A 309 -26.50 -14.42 -6.83
C GLU A 309 -25.01 -14.67 -7.01
N SER A 310 -24.43 -15.56 -6.21
CA SER A 310 -23.00 -15.85 -6.35
C SER A 310 -22.62 -17.28 -5.95
N THR A 311 -21.48 -17.72 -6.44
CA THR A 311 -20.90 -18.97 -5.99
C THR A 311 -19.38 -18.88 -6.23
N ASN A 312 -18.63 -19.88 -5.78
CA ASN A 312 -17.22 -19.93 -6.14
C ASN A 312 -16.98 -20.83 -7.34
N PHE A 313 -15.80 -20.72 -7.93
CA PHE A 313 -15.40 -21.63 -8.99
C PHE A 313 -13.88 -21.67 -9.06
N ALA A 314 -13.36 -22.55 -9.89
CA ALA A 314 -11.93 -22.77 -9.96
C ALA A 314 -11.41 -22.82 -11.39
N THR A 315 -10.10 -22.62 -11.52
CA THR A 315 -9.35 -22.94 -12.74
C THR A 315 -8.11 -23.67 -12.27
N ARG A 316 -7.31 -24.17 -13.22
CA ARG A 316 -6.11 -24.91 -12.86
C ARG A 316 -5.14 -24.05 -12.10
N ARG A 317 -5.12 -22.77 -12.45
CA ARG A 317 -4.26 -21.80 -11.77
C ARG A 317 -4.59 -21.74 -10.27
N TRP A 318 -5.87 -21.90 -9.94
CA TRP A 318 -6.29 -21.79 -8.54
C TRP A 318 -5.58 -22.83 -7.66
N ILE A 319 -5.24 -23.96 -8.25
CA ILE A 319 -4.82 -25.12 -7.45
C ILE A 319 -3.68 -24.78 -6.51
N GLU A 320 -2.71 -24.01 -7.00
CA GLU A 320 -1.59 -23.61 -6.16
C GLU A 320 -2.07 -22.65 -5.05
N TYR A 321 -3.00 -21.79 -5.38
CA TYR A 321 -3.55 -20.89 -4.38
C TYR A 321 -4.24 -21.73 -3.30
N GLY A 322 -5.02 -22.72 -3.74
CA GLY A 322 -5.69 -23.62 -2.80
C GLY A 322 -4.73 -24.29 -1.84
N LYS A 323 -3.62 -24.77 -2.39
CA LYS A 323 -2.61 -25.49 -1.60
C LYS A 323 -2.00 -24.57 -0.56
N GLN A 324 -1.89 -23.29 -0.89
CA GLN A 324 -1.19 -22.36 -0.03
C GLN A 324 -2.10 -21.43 0.77
N ALA A 325 -3.41 -21.54 0.61
CA ALA A 325 -4.34 -20.63 1.29
C ALA A 325 -4.12 -20.69 2.78
N VAL A 326 -4.01 -19.54 3.45
CA VAL A 326 -3.90 -19.55 4.92
C VAL A 326 -5.31 -19.44 5.52
N LEU A 327 -5.71 -20.45 6.29
CA LEU A 327 -7.11 -20.59 6.68
C LEU A 327 -7.38 -20.11 8.11
N CYS A 328 -8.65 -19.82 8.40
CA CYS A 328 -9.07 -19.42 9.75
C CYS A 328 -8.71 -20.52 10.72
N SER A 329 -7.98 -20.17 11.78
CA SER A 329 -7.48 -21.17 12.71
C SER A 329 -8.25 -21.21 14.02
N CYS A 330 -9.34 -20.45 14.10
CA CYS A 330 -10.00 -20.29 15.40
C CYS A 330 -11.42 -20.80 15.43
N ARG A 331 -11.90 -21.36 14.32
CA ARG A 331 -13.27 -21.88 14.28
C ARG A 331 -13.33 -23.31 13.73
N LYS A 332 -14.24 -24.12 14.26
CA LYS A 332 -14.46 -25.49 13.76
C LYS A 332 -15.21 -25.34 12.44
N ASP A 333 -16.09 -24.35 12.45
CA ASP A 333 -16.92 -23.99 11.32
C ASP A 333 -16.14 -23.03 10.44
N MET A 334 -15.39 -23.59 9.51
CA MET A 334 -14.80 -22.79 8.47
C MET A 334 -14.58 -23.71 7.29
N VAL A 335 -14.60 -23.15 6.09
CA VAL A 335 -14.50 -23.96 4.89
C VAL A 335 -13.08 -24.41 4.62
N LYS A 336 -12.90 -25.73 4.54
CA LYS A 336 -11.61 -26.30 4.19
C LYS A 336 -11.80 -27.39 3.15
N ILE A 337 -11.25 -27.17 1.97
CA ILE A 337 -11.40 -28.11 0.88
C ILE A 337 -10.12 -28.94 0.83
N SER A 338 -10.26 -30.27 0.79
CA SER A 338 -9.11 -31.14 0.65
C SER A 338 -8.48 -30.97 -0.72
N MET A 339 -7.21 -30.58 -0.76
CA MET A 339 -6.55 -30.32 -2.04
C MET A 339 -6.02 -31.59 -2.73
N ASP A 340 -6.04 -32.70 -2.01
N ASP A 340 -6.02 -32.71 -2.01
CA ASP A 340 -5.41 -33.93 -2.46
CA ASP A 340 -5.35 -33.93 -2.50
C ASP A 340 -5.78 -34.30 -3.90
C ASP A 340 -5.77 -34.32 -3.91
N VAL A 341 -7.08 -34.37 -4.16
CA VAL A 341 -7.57 -34.76 -5.48
C VAL A 341 -7.10 -33.82 -6.60
N PHE A 342 -6.93 -32.54 -6.31
CA PHE A 342 -6.48 -31.61 -7.34
C PHE A 342 -5.01 -31.83 -7.62
N VAL A 343 -4.24 -32.07 -6.57
CA VAL A 343 -2.82 -32.28 -6.74
C VAL A 343 -2.55 -33.61 -7.47
N ARG A 344 -3.28 -34.67 -7.11
CA ARG A 344 -3.08 -35.96 -7.80
C ARG A 344 -3.37 -35.82 -9.28
N LYS A 345 -4.51 -35.24 -9.61
CA LYS A 345 -4.95 -35.19 -11.00
C LYS A 345 -4.19 -34.15 -11.83
N PHE A 346 -3.86 -33.01 -11.25
CA PHE A 346 -3.26 -31.93 -12.05
C PHE A 346 -1.79 -31.64 -11.73
N GLN A 347 -1.30 -32.09 -10.59
CA GLN A 347 0.14 -31.96 -10.32
C GLN A 347 0.76 -33.30 -9.93
N PRO A 348 0.59 -34.33 -10.78
CA PRO A 348 0.97 -35.68 -10.34
C PRO A 348 2.44 -35.74 -10.00
N GLU A 349 3.26 -34.95 -10.69
CA GLU A 349 4.71 -35.00 -10.47
C GLU A 349 5.11 -34.35 -9.16
N ARG A 350 4.18 -33.62 -8.53
CA ARG A 350 4.50 -32.92 -7.29
C ARG A 350 3.86 -33.56 -6.06
N TYR A 351 2.99 -34.55 -6.29
CA TYR A 351 2.18 -35.11 -5.21
C TYR A 351 3.02 -35.65 -4.05
N LYS A 352 3.98 -36.51 -4.36
CA LYS A 352 4.87 -37.06 -3.34
C LYS A 352 5.58 -35.93 -2.62
N LEU A 353 6.10 -34.98 -3.38
CA LEU A 353 6.81 -33.83 -2.81
C LEU A 353 5.90 -33.02 -1.88
N TRP A 354 4.69 -32.74 -2.34
CA TRP A 354 3.74 -31.93 -1.61
C TRP A 354 3.28 -32.62 -0.32
N LYS A 355 2.94 -33.90 -0.43
CA LYS A 355 2.51 -34.69 0.72
C LYS A 355 3.63 -34.76 1.76
N ALA A 356 4.88 -34.67 1.30
CA ALA A 356 6.02 -34.72 2.19
C ALA A 356 6.37 -33.32 2.70
N GLY A 357 5.51 -32.35 2.43
CA GLY A 357 5.74 -30.98 2.87
C GLY A 357 6.97 -30.31 2.28
N LYS A 358 7.45 -30.79 1.13
CA LYS A 358 8.65 -30.22 0.56
C LYS A 358 8.41 -29.48 -0.76
N ASP A 359 7.15 -29.23 -1.09
CA ASP A 359 6.82 -28.46 -2.29
C ASP A 359 6.91 -26.95 -2.01
N ASN A 360 7.98 -26.33 -2.49
CA ASN A 360 8.20 -24.92 -2.20
C ASN A 360 7.83 -24.01 -3.37
N THR A 361 6.92 -24.47 -4.23
CA THR A 361 6.47 -23.67 -5.37
C THR A 361 6.08 -22.27 -4.92
N VAL A 362 6.53 -21.26 -5.66
CA VAL A 362 6.23 -19.88 -5.34
C VAL A 362 5.21 -19.37 -6.34
N ILE A 363 4.16 -18.72 -5.85
CA ILE A 363 3.09 -18.23 -6.73
C ILE A 363 3.45 -16.90 -7.42
N ASP A 364 3.24 -16.84 -8.73
CA ASP A 364 3.36 -15.61 -9.50
C ASP A 364 1.98 -15.09 -9.86
N HIS A 365 1.52 -14.09 -9.13
CA HIS A 365 0.17 -13.56 -9.28
C HIS A 365 -0.13 -12.97 -10.67
N THR A 366 0.93 -12.69 -11.44
CA THR A 366 0.73 -12.05 -12.74
C THR A 366 0.41 -13.04 -13.85
N LEU A 367 0.82 -14.29 -13.70
CA LEU A 367 0.61 -15.30 -14.76
C LEU A 367 -0.87 -15.67 -14.90
N PRO A 368 -1.36 -15.75 -16.16
CA PRO A 368 -2.72 -16.24 -16.45
C PRO A 368 -2.83 -17.77 -16.26
N THR A 369 -4.06 -18.29 -16.12
CA THR A 369 -4.28 -19.73 -15.98
C THR A 369 -3.80 -20.40 -17.29
N PRO A 370 -3.29 -21.64 -17.20
CA PRO A 370 -2.81 -22.41 -18.37
C PRO A 370 -3.82 -22.55 -19.52
N GLU A 371 -5.11 -22.65 -19.21
CA GLU A 371 -6.15 -22.84 -20.23
C GLU A 371 -6.21 -21.70 -21.26
N ALA A 372 -5.53 -20.60 -20.95
CA ALA A 372 -5.45 -19.44 -21.83
C ALA A 372 -4.35 -19.63 -22.89
N ALA A 373 -3.70 -20.78 -22.87
CA ALA A 373 -2.67 -21.11 -23.86
C ALA A 373 -3.34 -21.12 -25.22
N GLU A 374 -4.60 -21.53 -25.21
CA GLU A 374 -5.45 -21.56 -26.39
C GLU A 374 -5.59 -20.15 -27.01
N PHE A 375 -5.40 -19.10 -26.20
CA PHE A 375 -5.40 -17.71 -26.68
C PHE A 375 -3.96 -17.17 -26.85
N LEU A 376 -3.26 -16.97 -25.73
CA LEU A 376 -1.88 -16.48 -25.71
C LEU A 376 -0.98 -17.21 -26.71
N PRO B 32 0.25 5.35 14.74
CA PRO B 32 -0.10 4.64 15.98
C PRO B 32 0.52 3.24 15.98
N SER B 33 0.56 2.66 14.79
CA SER B 33 1.37 1.50 14.50
C SER B 33 2.68 2.08 13.97
N ALA B 34 2.71 3.42 13.93
CA ALA B 34 3.83 4.24 13.44
C ALA B 34 4.29 3.83 12.05
N ARG B 35 3.34 3.55 11.17
CA ARG B 35 3.66 3.12 9.81
C ARG B 35 3.79 4.36 8.94
N ILE B 36 4.59 4.23 7.89
CA ILE B 36 4.76 5.32 6.94
C ILE B 36 3.44 5.69 6.30
N MET B 37 3.06 6.95 6.43
CA MET B 37 1.81 7.44 5.86
C MET B 37 2.03 8.20 4.56
N THR B 38 0.99 8.20 3.72
CA THR B 38 1.04 8.89 2.43
C THR B 38 -0.08 9.91 2.40
N PHE B 39 0.20 11.12 1.90
CA PHE B 39 -0.80 12.18 1.90
C PHE B 39 -1.02 12.76 0.53
N TYR B 40 -2.25 13.20 0.29
CA TYR B 40 -2.65 13.69 -1.03
C TYR B 40 -3.28 15.08 -0.95
N PRO B 41 -2.45 16.13 -0.73
CA PRO B 41 -3.04 17.47 -0.55
C PRO B 41 -3.73 18.03 -1.80
N THR B 42 -4.75 18.85 -1.58
CA THR B 42 -5.36 19.65 -2.66
C THR B 42 -4.39 20.78 -3.02
N MET B 43 -4.65 21.46 -4.13
CA MET B 43 -3.77 22.55 -4.54
C MET B 43 -3.84 23.68 -3.53
N GLU B 44 -5.01 23.87 -2.91
CA GLU B 44 -5.17 24.89 -1.88
C GLU B 44 -4.40 24.49 -0.63
N GLU B 45 -4.33 23.19 -0.34
CA GLU B 45 -3.57 22.72 0.81
C GLU B 45 -2.08 22.78 0.55
N PHE B 46 -1.72 22.53 -0.70
CA PHE B 46 -0.33 22.44 -1.11
C PHE B 46 0.39 23.79 -1.04
N ARG B 47 -0.37 24.88 -1.11
CA ARG B 47 0.21 26.22 -1.27
C ARG B 47 0.96 26.71 -0.04
N ASN B 48 0.49 26.34 1.14
CA ASN B 48 1.20 26.73 2.35
C ASN B 48 2.00 25.54 2.89
N PHE B 49 3.32 25.55 2.66
CA PHE B 49 4.16 24.42 3.01
C PHE B 49 4.19 24.10 4.49
N SER B 50 4.64 25.05 5.31
CA SER B 50 4.73 24.83 6.74
C SER B 50 3.41 24.37 7.35
N ARG B 51 2.30 24.92 6.86
CA ARG B 51 0.99 24.57 7.37
C ARG B 51 0.69 23.09 7.10
N TYR B 52 0.99 22.61 5.90
CA TYR B 52 0.72 21.23 5.58
C TYR B 52 1.59 20.26 6.36
N ILE B 53 2.85 20.61 6.60
CA ILE B 53 3.70 19.77 7.45
C ILE B 53 3.04 19.71 8.85
N ALA B 54 2.56 20.83 9.33
CA ALA B 54 1.85 20.83 10.61
C ALA B 54 0.62 19.93 10.53
N TYR B 55 -0.09 19.96 9.41
CA TYR B 55 -1.26 19.10 9.25
C TYR B 55 -0.91 17.62 9.30
N ILE B 56 0.06 17.20 8.48
CA ILE B 56 0.36 15.78 8.45
C ILE B 56 0.89 15.31 9.79
N GLU B 57 1.50 16.19 10.56
CA GLU B 57 1.93 15.81 11.90
C GLU B 57 0.71 15.65 12.80
N SER B 58 -0.32 16.46 12.59
CA SER B 58 -1.55 16.29 13.37
C SER B 58 -2.17 14.93 13.05
N GLN B 59 -1.80 14.37 11.90
CA GLN B 59 -2.25 13.03 11.53
C GLN B 59 -1.29 11.94 12.00
N GLY B 60 -0.24 12.33 12.73
CA GLY B 60 0.71 11.37 13.28
C GLY B 60 1.76 10.87 12.29
N ALA B 61 1.88 11.55 11.16
CA ALA B 61 2.82 11.13 10.12
C ALA B 61 4.25 11.07 10.62
N HIS B 62 4.56 11.92 11.59
CA HIS B 62 5.94 12.05 12.08
C HIS B 62 6.40 10.85 12.86
N ARG B 63 5.46 10.07 13.39
CA ARG B 63 5.81 8.95 14.24
C ARG B 63 6.62 7.87 13.53
N ALA B 64 6.40 7.72 12.23
CA ALA B 64 7.17 6.74 11.43
C ALA B 64 8.59 7.22 11.12
N GLY B 65 8.82 8.52 11.29
CA GLY B 65 10.08 9.14 10.92
C GLY B 65 10.17 9.53 9.45
N LEU B 66 9.17 9.11 8.68
CA LEU B 66 9.17 9.27 7.22
C LEU B 66 7.73 9.30 6.68
N ALA B 67 7.46 10.16 5.70
CA ALA B 67 6.12 10.29 5.13
C ALA B 67 6.21 10.65 3.64
N LYS B 68 5.28 10.12 2.86
CA LYS B 68 5.21 10.47 1.45
C LYS B 68 4.12 11.50 1.25
N VAL B 69 4.40 12.46 0.37
CA VAL B 69 3.42 13.46 -0.05
C VAL B 69 3.33 13.49 -1.57
N VAL B 70 2.14 13.18 -2.07
CA VAL B 70 1.86 13.19 -3.52
C VAL B 70 1.24 14.51 -3.89
N PRO B 71 1.95 15.27 -4.73
CA PRO B 71 1.47 16.61 -5.12
C PRO B 71 0.24 16.53 -6.01
N PRO B 72 -0.57 17.60 -6.03
CA PRO B 72 -1.72 17.69 -6.94
C PRO B 72 -1.27 17.46 -8.38
N LYS B 73 -2.08 16.80 -9.20
CA LYS B 73 -1.67 16.52 -10.59
C LYS B 73 -1.51 17.82 -11.38
N GLU B 74 -2.19 18.86 -10.92
CA GLU B 74 -2.11 20.18 -11.55
C GLU B 74 -0.72 20.80 -11.41
N TRP B 75 0.10 20.25 -10.52
CA TRP B 75 1.36 20.86 -10.13
C TRP B 75 2.55 20.23 -10.84
N LYS B 76 3.52 21.06 -11.21
CA LYS B 76 4.80 20.61 -11.75
C LYS B 76 5.86 21.65 -11.44
N PRO B 77 7.05 21.20 -11.01
CA PRO B 77 8.14 22.09 -10.58
C PRO B 77 8.91 22.70 -11.75
N ARG B 78 8.78 22.06 -12.90
CA ARG B 78 9.49 22.41 -14.11
C ARG B 78 8.65 22.00 -15.31
N ALA B 79 8.81 22.67 -16.44
CA ALA B 79 8.08 22.32 -17.64
C ALA B 79 8.64 21.06 -18.29
N SER B 80 9.96 20.97 -18.37
CA SER B 80 10.64 19.84 -19.02
C SER B 80 12.07 19.68 -18.57
N TYR B 81 12.57 18.45 -18.55
CA TYR B 81 13.94 18.16 -18.08
C TYR B 81 14.85 17.69 -19.21
N ASP B 82 14.88 18.41 -20.33
CA ASP B 82 15.69 17.98 -21.45
C ASP B 82 16.82 18.97 -21.70
N ASP B 83 16.68 20.13 -21.08
CA ASP B 83 17.68 21.18 -21.21
C ASP B 83 18.83 21.06 -20.22
N ILE B 84 18.84 20.00 -19.42
CA ILE B 84 19.83 19.87 -18.36
C ILE B 84 20.94 18.88 -18.66
N ASP B 85 21.02 18.37 -19.89
CA ASP B 85 22.09 17.40 -20.19
C ASP B 85 23.51 17.98 -20.11
N ASP B 86 23.65 19.30 -20.12
CA ASP B 86 24.96 19.95 -19.99
C ASP B 86 25.30 20.27 -18.53
N LEU B 87 24.35 20.03 -17.63
CA LEU B 87 24.57 20.20 -16.20
C LEU B 87 25.75 19.32 -15.76
N VAL B 88 26.67 19.92 -15.01
CA VAL B 88 27.86 19.22 -14.54
C VAL B 88 27.66 18.62 -13.15
N ILE B 89 28.06 17.37 -13.00
CA ILE B 89 28.14 16.74 -11.68
C ILE B 89 29.60 16.81 -11.23
N PRO B 90 29.91 17.81 -10.38
CA PRO B 90 31.33 18.11 -10.11
C PRO B 90 32.06 16.96 -9.43
N ALA B 91 31.37 16.21 -8.58
CA ALA B 91 32.05 15.25 -7.74
C ALA B 91 31.31 13.92 -7.65
N PRO B 92 31.23 13.19 -8.77
CA PRO B 92 30.61 11.86 -8.73
C PRO B 92 31.33 11.01 -7.70
N ILE B 93 30.59 10.11 -7.06
CA ILE B 93 31.14 9.28 -6.01
C ILE B 93 30.99 7.81 -6.40
N GLN B 94 32.07 7.04 -6.36
CA GLN B 94 31.94 5.61 -6.53
C GLN B 94 31.75 4.94 -5.16
N GLN B 95 30.69 4.14 -5.04
CA GLN B 95 30.30 3.57 -3.74
C GLN B 95 30.81 2.16 -3.59
N LEU B 96 31.94 2.04 -2.90
CA LEU B 96 32.49 0.75 -2.55
C LEU B 96 31.93 0.30 -1.21
N VAL B 97 31.50 -0.95 -1.17
CA VAL B 97 30.87 -1.51 0.02
C VAL B 97 31.54 -2.81 0.45
N THR B 98 31.94 -2.88 1.71
CA THR B 98 32.49 -4.09 2.27
C THR B 98 31.59 -4.52 3.42
N GLY B 99 31.45 -5.82 3.62
CA GLY B 99 30.65 -6.35 4.72
C GLY B 99 30.03 -7.70 4.41
N GLN B 100 29.21 -8.16 5.34
CA GLN B 100 28.58 -9.48 5.26
C GLN B 100 27.47 -9.60 6.31
N SER B 101 26.54 -10.52 6.10
CA SER B 101 25.52 -10.84 7.10
C SER B 101 24.72 -9.60 7.48
N GLY B 102 24.32 -8.83 6.47
CA GLY B 102 23.46 -7.68 6.67
C GLY B 102 24.06 -6.39 7.18
N LEU B 103 25.34 -6.41 7.50
CA LEU B 103 26.06 -5.28 8.05
C LEU B 103 27.16 -4.84 7.10
N PHE B 104 27.17 -3.58 6.70
CA PHE B 104 28.14 -3.13 5.69
C PHE B 104 28.68 -1.76 5.99
N THR B 105 29.87 -1.49 5.49
CA THR B 105 30.44 -0.16 5.52
C THR B 105 30.73 0.31 4.11
N GLN B 106 30.29 1.51 3.80
CA GLN B 106 30.36 2.07 2.48
C GLN B 106 31.42 3.16 2.41
N TYR B 107 32.36 3.01 1.47
CA TYR B 107 33.44 3.98 1.25
C TYR B 107 33.23 4.76 -0.05
N ASN B 108 33.50 6.05 -0.03
CA ASN B 108 33.35 6.88 -1.21
C ASN B 108 34.66 7.09 -1.94
N ILE B 109 34.67 6.80 -3.23
CA ILE B 109 35.81 7.15 -4.08
C ILE B 109 35.35 8.23 -5.04
N GLN B 110 35.92 9.42 -4.94
CA GLN B 110 35.49 10.51 -5.82
C GLN B 110 36.05 10.28 -7.21
N LYS B 111 35.21 10.42 -8.22
CA LYS B 111 35.63 10.33 -9.62
C LYS B 111 35.69 11.73 -10.25
N LYS B 112 36.23 11.81 -11.46
CA LYS B 112 36.32 13.12 -12.12
C LYS B 112 34.94 13.62 -12.46
N ALA B 113 34.82 14.94 -12.65
CA ALA B 113 33.53 15.55 -12.94
C ALA B 113 32.97 14.98 -14.23
N MET B 114 31.67 15.13 -14.41
CA MET B 114 31.01 14.66 -15.62
C MET B 114 29.67 15.34 -15.73
N THR B 115 29.12 15.32 -16.94
CA THR B 115 27.81 15.90 -17.18
C THR B 115 26.71 14.87 -16.95
N VAL B 116 25.49 15.37 -16.81
CA VAL B 116 24.32 14.52 -16.62
C VAL B 116 24.22 13.53 -17.78
N ARG B 117 24.37 14.07 -19.00
CA ARG B 117 24.31 13.21 -20.19
C ARG B 117 25.32 12.10 -20.07
N GLU B 118 26.53 12.42 -19.62
CA GLU B 118 27.56 11.40 -19.41
C GLU B 118 27.15 10.40 -18.33
N PHE B 119 26.64 10.91 -17.22
CA PHE B 119 26.19 10.06 -16.12
C PHE B 119 25.05 9.15 -16.60
N ARG B 120 23.98 9.77 -17.11
CA ARG B 120 22.83 9.05 -17.62
C ARG B 120 23.20 7.92 -18.56
N LYS B 121 24.16 8.18 -19.44
CA LYS B 121 24.64 7.16 -20.36
C LYS B 121 25.27 5.98 -19.61
N ILE B 122 26.11 6.27 -18.62
CA ILE B 122 26.68 5.18 -17.79
C ILE B 122 25.60 4.46 -16.96
N ALA B 123 24.66 5.26 -16.44
CA ALA B 123 23.59 4.72 -15.59
C ALA B 123 22.77 3.73 -16.39
N ASN B 124 22.45 4.08 -17.63
CA ASN B 124 21.55 3.26 -18.42
C ASN B 124 22.33 2.22 -19.23
N SER B 125 23.65 2.34 -19.22
CA SER B 125 24.56 1.31 -19.72
C SER B 125 24.20 -0.10 -19.23
N ASP B 126 24.62 -1.12 -19.96
CA ASP B 126 24.31 -2.48 -19.56
C ASP B 126 24.98 -2.90 -18.27
N LYS B 127 26.20 -2.44 -18.03
CA LYS B 127 26.93 -2.83 -16.83
C LYS B 127 26.20 -2.33 -15.57
N TYR B 128 25.65 -1.12 -15.63
CA TYR B 128 25.09 -0.49 -14.44
C TYR B 128 23.57 -0.37 -14.44
N CYS B 129 22.90 -0.87 -15.48
CA CYS B 129 21.45 -0.68 -15.53
C CYS B 129 20.75 -1.63 -14.54
N THR B 130 19.50 -1.31 -14.24
CA THR B 130 18.66 -2.11 -13.36
C THR B 130 18.57 -3.55 -13.88
N PRO B 131 18.64 -4.54 -12.98
CA PRO B 131 18.41 -5.92 -13.37
C PRO B 131 16.93 -6.20 -13.67
N ARG B 132 16.65 -7.33 -14.31
CA ARG B 132 15.27 -7.70 -14.59
C ARG B 132 14.61 -8.14 -13.29
N TYR B 133 13.34 -7.79 -13.11
CA TYR B 133 12.64 -8.20 -11.90
C TYR B 133 11.13 -8.07 -12.08
N SER B 134 10.40 -8.75 -11.20
CA SER B 134 8.93 -8.70 -11.21
C SER B 134 8.38 -7.70 -10.18
N GLU B 135 8.27 -8.14 -8.93
CA GLU B 135 7.80 -7.31 -7.82
C GLU B 135 8.97 -6.67 -7.06
N PHE B 136 8.67 -5.63 -6.26
CA PHE B 136 9.72 -4.92 -5.52
C PHE B 136 10.55 -5.84 -4.62
N GLU B 137 9.90 -6.82 -4.02
CA GLU B 137 10.59 -7.73 -3.10
C GLU B 137 11.79 -8.40 -3.78
N GLU B 138 11.70 -8.56 -5.10
CA GLU B 138 12.79 -9.21 -5.82
C GLU B 138 13.93 -8.22 -6.07
N LEU B 139 13.60 -7.02 -6.51
CA LEU B 139 14.64 -6.02 -6.73
C LEU B 139 15.32 -5.75 -5.40
N GLU B 140 14.54 -5.74 -4.33
CA GLU B 140 15.05 -5.51 -2.99
C GLU B 140 16.05 -6.60 -2.61
N ARG B 141 15.69 -7.85 -2.87
CA ARG B 141 16.58 -8.97 -2.60
C ARG B 141 17.87 -8.84 -3.40
N LYS B 142 17.75 -8.43 -4.65
CA LYS B 142 18.94 -8.29 -5.48
C LYS B 142 19.82 -7.16 -4.94
N TYR B 143 19.21 -6.10 -4.44
CA TYR B 143 20.00 -5.02 -3.84
C TYR B 143 20.90 -5.54 -2.71
N TRP B 144 20.31 -6.26 -1.75
CA TRP B 144 21.07 -6.74 -0.58
C TRP B 144 21.96 -7.92 -0.86
N LYS B 145 21.68 -8.64 -1.94
CA LYS B 145 22.55 -9.72 -2.35
C LYS B 145 23.79 -9.20 -3.11
N ASN B 146 23.63 -8.17 -3.92
CA ASN B 146 24.69 -7.67 -4.80
C ASN B 146 25.32 -6.33 -4.39
N LEU B 147 25.00 -5.92 -3.16
CA LEU B 147 25.44 -4.66 -2.57
C LEU B 147 26.94 -4.37 -2.71
N THR B 148 27.74 -5.39 -2.45
CA THR B 148 29.18 -5.23 -2.42
C THR B 148 29.85 -5.44 -3.78
N PHE B 149 29.06 -5.79 -4.81
CA PHE B 149 29.58 -6.07 -6.15
C PHE B 149 29.35 -4.91 -7.10
N ASN B 150 30.24 -4.78 -8.09
CA ASN B 150 30.09 -3.80 -9.16
C ASN B 150 29.75 -2.39 -8.68
N PRO B 151 30.66 -1.76 -7.92
CA PRO B 151 30.35 -0.46 -7.31
C PRO B 151 29.82 0.57 -8.30
N PRO B 152 28.63 1.11 -7.99
CA PRO B 152 27.98 2.11 -8.82
C PRO B 152 28.55 3.50 -8.61
N ILE B 153 28.06 4.46 -9.39
CA ILE B 153 28.45 5.84 -9.23
C ILE B 153 27.25 6.64 -8.87
N TYR B 154 27.38 7.49 -7.86
CA TYR B 154 26.28 8.31 -7.41
C TYR B 154 26.61 9.77 -7.69
N GLY B 155 25.73 10.44 -8.43
CA GLY B 155 25.92 11.85 -8.75
C GLY B 155 25.37 12.72 -7.65
N ALA B 156 26.02 12.65 -6.49
CA ALA B 156 25.46 13.16 -5.25
C ALA B 156 25.93 14.55 -4.87
N ASP B 157 25.13 15.22 -4.07
CA ASP B 157 25.50 16.50 -3.47
C ASP B 157 25.84 17.59 -4.49
N VAL B 158 25.02 17.71 -5.51
CA VAL B 158 25.19 18.74 -6.54
C VAL B 158 24.42 19.97 -6.15
N ASN B 159 25.14 21.06 -5.91
CA ASN B 159 24.52 22.33 -5.58
C ASN B 159 23.62 22.79 -6.70
N GLY B 160 22.37 23.11 -6.37
CA GLY B 160 21.44 23.60 -7.36
C GLY B 160 20.02 23.12 -7.21
N THR B 161 19.17 23.60 -8.10
CA THR B 161 17.74 23.32 -8.07
C THR B 161 17.30 23.00 -9.49
N LEU B 162 16.19 22.29 -9.66
CA LEU B 162 15.63 22.13 -10.99
C LEU B 162 14.28 22.78 -11.08
N TYR B 163 13.91 23.48 -10.01
CA TYR B 163 12.66 24.21 -10.02
C TYR B 163 12.78 25.40 -10.95
N GLU B 164 11.67 25.76 -11.58
CA GLU B 164 11.58 26.98 -12.36
C GLU B 164 11.37 28.12 -11.37
N LYS B 165 11.99 29.26 -11.66
CA LYS B 165 12.06 30.38 -10.72
C LYS B 165 10.73 30.82 -10.13
N HIS B 166 9.63 30.56 -10.84
CA HIS B 166 8.37 31.17 -10.43
C HIS B 166 7.47 30.22 -9.66
N VAL B 167 7.88 28.96 -9.55
CA VAL B 167 7.13 27.98 -8.77
C VAL B 167 7.18 28.35 -7.30
N ASP B 168 6.03 28.66 -6.70
CA ASP B 168 6.00 29.16 -5.34
C ASP B 168 5.51 28.12 -4.33
N GLU B 169 5.15 26.94 -4.82
CA GLU B 169 4.65 25.90 -3.92
C GLU B 169 5.70 24.81 -3.75
N TRP B 170 6.03 24.53 -2.50
CA TRP B 170 7.01 23.48 -2.18
C TRP B 170 8.30 23.65 -2.95
N ASN B 171 8.73 24.91 -3.07
CA ASN B 171 10.00 25.18 -3.71
C ASN B 171 11.11 24.92 -2.71
N ILE B 172 11.87 23.88 -3.00
CA ILE B 172 12.93 23.40 -2.12
C ILE B 172 14.04 24.43 -1.89
N GLY B 173 14.19 25.33 -2.86
CA GLY B 173 15.17 26.41 -2.76
C GLY B 173 14.78 27.48 -1.78
N ARG B 174 13.50 27.56 -1.43
CA ARG B 174 13.02 28.62 -0.56
C ARG B 174 11.70 28.26 0.15
N LEU B 175 11.75 27.30 1.07
CA LEU B 175 10.53 26.81 1.71
C LEU B 175 10.05 27.81 2.75
N ARG B 176 10.94 28.74 3.11
CA ARG B 176 10.61 29.82 4.04
C ARG B 176 10.18 29.29 5.41
N THR B 177 10.88 28.26 5.90
CA THR B 177 10.64 27.79 7.26
C THR B 177 11.60 28.53 8.17
N ILE B 178 11.48 28.30 9.47
CA ILE B 178 12.30 28.98 10.45
C ILE B 178 13.77 28.57 10.41
N LEU B 179 14.12 27.56 9.61
CA LEU B 179 15.54 27.24 9.44
C LEU B 179 16.29 28.42 8.83
N ASP B 180 15.57 29.22 8.05
CA ASP B 180 16.12 30.41 7.41
C ASP B 180 16.73 31.40 8.38
N LEU B 181 16.38 31.28 9.67
CA LEU B 181 16.96 32.13 10.71
C LEU B 181 18.48 31.97 10.76
N VAL B 182 18.97 30.87 10.23
CA VAL B 182 20.40 30.67 10.14
C VAL B 182 20.95 31.64 9.09
N GLU B 183 20.32 31.65 7.91
CA GLU B 183 20.69 32.56 6.83
C GLU B 183 20.21 34.01 7.07
N LYS B 184 18.95 34.17 7.47
CA LYS B 184 18.32 35.49 7.60
C LYS B 184 18.86 36.36 8.74
N GLU B 185 18.92 35.81 9.94
CA GLU B 185 19.38 36.57 11.10
C GLU B 185 20.90 36.47 11.33
N SER B 186 21.51 35.38 10.88
CA SER B 186 22.89 35.09 11.24
C SER B 186 23.84 35.12 10.03
N GLY B 187 23.26 35.18 8.83
CA GLY B 187 24.04 35.30 7.60
C GLY B 187 24.73 34.04 7.16
N ILE B 188 24.55 32.96 7.92
CA ILE B 188 25.23 31.70 7.65
C ILE B 188 24.45 30.86 6.63
N THR B 189 25.12 30.39 5.59
CA THR B 189 24.50 29.46 4.67
C THR B 189 25.21 28.11 4.72
N ILE B 190 24.45 27.03 4.66
CA ILE B 190 25.04 25.69 4.74
C ILE B 190 24.56 24.83 3.56
N GLU B 191 25.50 24.51 2.66
CA GLU B 191 25.15 23.80 1.43
C GLU B 191 24.50 22.45 1.64
N GLY B 192 23.33 22.26 1.01
CA GLY B 192 22.56 21.06 1.18
C GLY B 192 21.62 21.13 2.37
N VAL B 193 21.85 22.10 3.27
CA VAL B 193 21.06 22.20 4.49
C VAL B 193 19.99 23.26 4.38
N ASN B 194 20.36 24.53 4.13
CA ASN B 194 19.32 25.48 3.74
C ASN B 194 19.49 25.94 2.29
N THR B 195 20.19 25.14 1.50
CA THR B 195 20.22 25.30 0.05
C THR B 195 20.02 23.92 -0.59
N PRO B 196 19.52 23.89 -1.85
CA PRO B 196 19.16 22.60 -2.46
C PRO B 196 20.35 21.84 -2.97
N TYR B 197 20.20 20.53 -2.97
CA TYR B 197 21.15 19.59 -3.53
C TYR B 197 20.47 18.72 -4.56
N LEU B 198 21.22 18.29 -5.56
CA LEU B 198 20.68 17.42 -6.57
C LEU B 198 21.41 16.13 -6.44
N TYR B 199 20.70 15.03 -6.68
CA TYR B 199 21.25 13.70 -6.59
C TYR B 199 20.88 12.92 -7.83
N PHE B 200 21.89 12.60 -8.64
CA PHE B 200 21.71 11.73 -9.78
C PHE B 200 22.07 10.31 -9.40
N GLY B 201 21.08 9.43 -9.42
CA GLY B 201 21.34 8.06 -9.02
C GLY B 201 21.38 7.09 -10.18
N MET B 202 21.92 5.92 -9.92
CA MET B 202 21.77 4.79 -10.81
C MET B 202 21.39 3.61 -9.98
N TRP B 203 21.20 2.46 -10.62
CA TRP B 203 20.80 1.26 -9.90
C TRP B 203 21.81 0.94 -8.82
N LYS B 204 21.28 0.60 -7.63
CA LYS B 204 22.09 0.09 -6.53
C LYS B 204 22.90 1.18 -5.80
N THR B 205 22.75 2.45 -6.17
CA THR B 205 23.35 3.51 -5.39
C THR B 205 22.56 3.68 -4.08
N SER B 206 23.28 3.92 -2.99
CA SER B 206 22.72 3.80 -1.62
C SER B 206 22.82 5.07 -0.81
N PHE B 207 21.88 5.27 0.10
CA PHE B 207 22.11 6.23 1.18
C PHE B 207 22.02 5.47 2.51
N ALA B 208 23.06 5.67 3.32
CA ALA B 208 23.27 4.88 4.51
C ALA B 208 22.35 5.36 5.65
N TRP B 209 22.26 4.58 6.71
CA TRP B 209 21.40 4.92 7.84
C TRP B 209 21.85 6.21 8.51
N HIS B 210 20.95 7.17 8.65
CA HIS B 210 21.30 8.42 9.31
C HIS B 210 20.09 9.22 9.68
N THR B 211 20.27 10.15 10.61
CA THR B 211 19.31 11.24 10.75
C THR B 211 19.88 12.48 10.04
N GLU B 212 19.09 13.54 9.93
CA GLU B 212 19.61 14.76 9.26
C GLU B 212 20.60 15.47 10.20
N ASP B 213 21.44 16.35 9.64
CA ASP B 213 22.27 17.21 10.47
C ASP B 213 21.40 17.95 11.48
N MET B 214 21.88 18.08 12.72
CA MET B 214 21.15 18.76 13.78
C MET B 214 19.78 18.15 13.99
N ASP B 215 19.60 16.91 13.52
CA ASP B 215 18.32 16.19 13.52
C ASP B 215 17.16 17.02 12.96
N LEU B 216 17.45 17.75 11.89
CA LEU B 216 16.46 18.51 11.15
C LEU B 216 15.49 17.62 10.38
N TYR B 217 14.45 18.24 9.82
CA TYR B 217 13.64 17.64 8.76
C TYR B 217 14.43 17.64 7.47
N SER B 218 14.09 16.73 6.56
CA SER B 218 14.49 16.93 5.17
C SER B 218 13.29 16.75 4.28
N ILE B 219 13.38 17.33 3.11
CA ILE B 219 12.36 17.16 2.08
C ILE B 219 13.08 16.61 0.88
N ASN B 220 12.47 15.64 0.19
CA ASN B 220 13.10 15.07 -1.00
C ASN B 220 12.08 14.94 -2.12
N TYR B 221 12.36 15.57 -3.28
CA TYR B 221 11.49 15.43 -4.46
C TYR B 221 12.21 14.64 -5.54
N LEU B 222 11.58 13.57 -6.04
CA LEU B 222 12.15 12.77 -7.12
C LEU B 222 11.68 13.39 -8.46
N HIS B 223 12.55 14.17 -9.11
CA HIS B 223 12.18 14.91 -10.33
C HIS B 223 11.75 14.00 -11.47
N PHE B 224 12.56 12.99 -11.75
CA PHE B 224 12.27 12.07 -12.83
C PHE B 224 13.04 10.79 -12.68
N GLY B 225 12.62 9.74 -13.39
CA GLY B 225 13.42 8.55 -13.50
C GLY B 225 12.87 7.38 -12.70
N GLU B 226 13.70 6.35 -12.51
CA GLU B 226 13.34 5.16 -11.76
C GLU B 226 13.16 5.50 -10.26
N PRO B 227 12.45 4.64 -9.51
CA PRO B 227 12.12 4.98 -8.12
C PRO B 227 13.31 5.03 -7.15
N LYS B 228 13.03 5.57 -5.97
CA LYS B 228 13.94 5.51 -4.84
C LYS B 228 13.25 4.76 -3.69
N SER B 229 13.83 3.67 -3.19
CA SER B 229 13.19 2.95 -2.07
C SER B 229 13.83 3.35 -0.74
N TRP B 230 13.00 3.44 0.29
CA TRP B 230 13.37 3.96 1.60
C TRP B 230 13.08 2.97 2.73
N TYR B 231 13.96 2.92 3.73
CA TYR B 231 13.65 2.30 5.02
C TYR B 231 13.61 3.38 6.09
N SER B 232 12.83 3.17 7.15
CA SER B 232 12.77 4.17 8.23
C SER B 232 12.55 3.53 9.59
N VAL B 233 13.16 4.13 10.61
CA VAL B 233 12.95 3.69 11.98
C VAL B 233 12.26 4.82 12.76
N PRO B 234 11.15 4.50 13.43
CA PRO B 234 10.46 5.54 14.19
C PRO B 234 11.42 6.24 15.13
N PRO B 235 11.32 7.57 15.21
CA PRO B 235 12.14 8.32 16.16
C PRO B 235 12.08 7.70 17.56
N GLU B 236 10.93 7.19 17.98
CA GLU B 236 10.83 6.63 19.33
C GLU B 236 11.62 5.34 19.49
N HIS B 237 12.10 4.76 18.40
CA HIS B 237 13.00 3.61 18.51
C HIS B 237 14.40 3.91 17.98
N GLY B 238 14.66 5.17 17.66
CA GLY B 238 15.97 5.58 17.18
C GLY B 238 17.14 5.14 18.06
N LYS B 239 17.04 5.32 19.37
CA LYS B 239 18.16 4.97 20.28
C LYS B 239 18.48 3.49 20.20
N ARG B 240 17.47 2.68 19.92
CA ARG B 240 17.67 1.23 19.83
C ARG B 240 18.50 0.90 18.59
N LEU B 241 18.22 1.54 17.47
CA LEU B 241 19.06 1.39 16.29
C LEU B 241 20.48 1.79 16.62
N GLU B 242 20.66 2.94 17.31
CA GLU B 242 22.01 3.37 17.69
C GLU B 242 22.74 2.35 18.57
N ARG B 243 22.05 1.74 19.53
CA ARG B 243 22.72 0.76 20.39
C ARG B 243 23.10 -0.46 19.58
N LEU B 244 22.25 -0.81 18.63
CA LEU B 244 22.56 -1.92 17.73
C LEU B 244 23.84 -1.59 16.95
N ALA B 245 23.89 -0.40 16.35
CA ALA B 245 25.02 -0.03 15.51
C ALA B 245 26.31 0.04 16.34
N LYS B 246 26.22 0.59 17.55
CA LYS B 246 27.38 0.70 18.42
C LYS B 246 27.92 -0.69 18.72
N GLY B 247 27.02 -1.64 18.92
CA GLY B 247 27.43 -3.00 19.24
C GLY B 247 28.14 -3.68 18.09
N PHE B 248 27.67 -3.48 16.87
CA PHE B 248 28.30 -4.10 15.72
C PHE B 248 29.54 -3.34 15.24
N PHE B 249 29.67 -2.07 15.61
CA PHE B 249 30.86 -1.30 15.21
C PHE B 249 31.50 -0.59 16.40
N PRO B 250 32.01 -1.34 17.37
CA PRO B 250 32.51 -0.77 18.64
C PRO B 250 33.70 0.15 18.45
N GLY B 251 34.57 -0.18 17.52
CA GLY B 251 35.72 0.64 17.21
C GLY B 251 35.28 2.00 16.71
N SER B 252 34.35 1.99 15.76
CA SER B 252 33.81 3.24 15.21
C SER B 252 33.08 4.04 16.31
N ALA B 253 32.33 3.35 17.16
CA ALA B 253 31.63 4.02 18.26
C ALA B 253 32.62 4.72 19.18
N GLN B 254 33.71 4.04 19.49
CA GLN B 254 34.74 4.61 20.35
C GLN B 254 35.33 5.90 19.78
N SER B 255 35.51 5.93 18.46
CA SER B 255 36.16 7.09 17.82
C SER B 255 35.24 8.29 17.61
N CYS B 256 33.93 8.07 17.59
CA CYS B 256 33.02 9.18 17.36
C CYS B 256 31.70 9.00 18.09
N GLU B 257 31.21 10.09 18.69
CA GLU B 257 29.98 10.05 19.49
C GLU B 257 28.74 9.85 18.62
N ALA B 258 28.88 10.09 17.32
CA ALA B 258 27.77 10.00 16.40
C ALA B 258 28.22 9.47 15.04
N PHE B 259 28.83 8.29 15.01
CA PHE B 259 29.49 7.84 13.78
C PHE B 259 28.51 7.55 12.62
N LEU B 260 27.25 7.28 12.93
CA LEU B 260 26.25 7.06 11.88
C LEU B 260 26.09 8.28 10.99
N ARG B 261 26.41 9.47 11.52
CA ARG B 261 26.39 10.71 10.74
C ARG B 261 27.45 10.69 9.62
N HIS B 262 28.41 9.77 9.72
CA HIS B 262 29.37 9.61 8.63
C HIS B 262 28.68 9.06 7.39
N LYS B 263 27.46 8.54 7.53
CA LYS B 263 26.72 8.01 6.39
C LYS B 263 27.48 6.93 5.66
N MET B 264 28.12 6.05 6.41
CA MET B 264 28.83 4.93 5.82
C MET B 264 28.27 3.57 6.23
N THR B 265 27.25 3.57 7.09
CA THR B 265 26.79 2.33 7.72
C THR B 265 25.51 1.80 7.08
N LEU B 266 25.58 0.62 6.47
CA LEU B 266 24.41 0.01 5.85
C LEU B 266 23.96 -1.19 6.66
N ILE B 267 22.68 -1.30 6.94
CA ILE B 267 22.16 -2.38 7.76
C ILE B 267 20.90 -2.88 7.11
N SER B 268 20.85 -4.17 6.81
CA SER B 268 19.73 -4.76 6.07
C SER B 268 18.46 -4.88 6.92
N PRO B 269 17.29 -4.90 6.26
CA PRO B 269 16.03 -5.07 6.98
C PRO B 269 15.97 -6.41 7.70
N LEU B 270 16.60 -7.44 7.14
CA LEU B 270 16.65 -8.72 7.82
C LEU B 270 17.41 -8.63 9.13
N MET B 271 18.47 -7.81 9.18
CA MET B 271 19.18 -7.60 10.43
C MET B 271 18.32 -6.82 11.42
N LEU B 272 17.66 -5.77 10.93
CA LEU B 272 16.76 -5.00 11.79
C LEU B 272 15.68 -5.90 12.43
N LYS B 273 15.09 -6.78 11.62
CA LYS B 273 14.03 -7.66 12.09
C LYS B 273 14.60 -8.64 13.13
N LYS B 274 15.74 -9.21 12.82
CA LYS B 274 16.41 -10.16 13.72
C LYS B 274 16.66 -9.61 15.12
N TYR B 275 17.03 -8.34 15.21
CA TYR B 275 17.39 -7.76 16.49
C TYR B 275 16.24 -6.93 17.04
N GLY B 276 15.05 -7.13 16.48
CA GLY B 276 13.85 -6.50 17.00
C GLY B 276 13.77 -4.99 16.86
N ILE B 277 14.41 -4.40 15.85
CA ILE B 277 14.22 -2.95 15.60
C ILE B 277 13.00 -2.71 14.70
N PRO B 278 12.00 -1.98 15.19
CA PRO B 278 10.85 -1.68 14.34
C PRO B 278 11.25 -0.80 13.15
N PHE B 279 10.71 -1.08 11.98
CA PHE B 279 11.01 -0.25 10.83
C PHE B 279 9.89 -0.41 9.83
N ASP B 280 9.87 0.47 8.85
CA ASP B 280 8.92 0.36 7.77
C ASP B 280 9.69 0.62 6.47
N LYS B 281 9.08 0.32 5.32
CA LYS B 281 9.69 0.62 4.02
C LYS B 281 8.64 1.25 3.10
N VAL B 282 9.13 1.95 2.09
CA VAL B 282 8.25 2.64 1.17
C VAL B 282 9.05 3.00 -0.07
N THR B 283 8.39 2.98 -1.22
CA THR B 283 9.04 3.31 -2.48
C THR B 283 8.47 4.61 -3.01
N GLN B 284 9.38 5.52 -3.34
CA GLN B 284 9.06 6.87 -3.84
C GLN B 284 9.14 6.87 -5.35
N GLU B 285 8.07 7.26 -6.03
CA GLU B 285 8.03 7.29 -7.50
C GLU B 285 8.31 8.69 -8.02
N ALA B 286 8.66 8.79 -9.30
CA ALA B 286 8.86 10.12 -9.90
C ALA B 286 7.65 11.00 -9.67
N GLY B 287 7.91 12.25 -9.29
CA GLY B 287 6.86 13.19 -9.00
C GLY B 287 6.37 13.15 -7.57
N GLU B 288 7.01 12.37 -6.70
CA GLU B 288 6.55 12.30 -5.32
C GLU B 288 7.58 12.90 -4.36
N PHE B 289 7.07 13.48 -3.28
CA PHE B 289 7.89 14.01 -2.20
C PHE B 289 8.02 12.99 -1.08
N MET B 290 9.20 12.91 -0.48
CA MET B 290 9.34 12.25 0.82
C MET B 290 9.77 13.31 1.84
N ILE B 291 9.20 13.23 3.03
CA ILE B 291 9.57 14.07 4.17
C ILE B 291 10.19 13.18 5.23
N THR B 292 11.35 13.56 5.75
CA THR B 292 11.90 12.88 6.91
C THR B 292 11.71 13.80 8.10
N PHE B 293 11.53 13.23 9.29
CA PHE B 293 11.24 14.00 10.49
C PHE B 293 12.41 13.99 11.47
N PRO B 294 12.42 14.95 12.41
CA PRO B 294 13.57 15.00 13.33
C PRO B 294 13.83 13.64 13.99
N TYR B 295 15.08 13.20 13.94
CA TYR B 295 15.55 11.98 14.58
C TYR B 295 14.89 10.75 13.97
N GLY B 296 14.38 10.88 12.76
CA GLY B 296 13.92 9.70 12.03
C GLY B 296 15.09 9.11 11.25
N TYR B 297 15.60 7.95 11.68
CA TYR B 297 16.66 7.27 10.94
C TYR B 297 16.12 6.73 9.62
N HIS B 298 16.88 6.91 8.54
CA HIS B 298 16.43 6.37 7.27
C HIS B 298 17.59 5.96 6.43
N ALA B 299 17.28 5.13 5.45
CA ALA B 299 18.26 4.63 4.53
C ALA B 299 17.52 4.12 3.31
N GLY B 300 18.23 3.82 2.23
CA GLY B 300 17.57 3.32 1.04
C GLY B 300 18.50 3.17 -0.15
N PHE B 301 17.91 3.03 -1.33
CA PHE B 301 18.68 2.84 -2.55
C PHE B 301 17.86 3.25 -3.78
N ASN B 302 18.56 3.57 -4.87
CA ASN B 302 17.87 3.93 -6.10
C ASN B 302 17.66 2.74 -7.03
N HIS B 303 16.53 2.70 -7.72
CA HIS B 303 16.23 1.57 -8.60
C HIS B 303 16.98 1.67 -9.92
N GLY B 304 17.18 2.89 -10.39
CA GLY B 304 17.87 3.10 -11.65
C GLY B 304 18.15 4.56 -11.84
N PHE B 305 18.37 4.98 -13.07
CA PHE B 305 18.71 6.37 -13.31
C PHE B 305 17.58 7.29 -12.90
N ASN B 306 17.90 8.27 -12.05
CA ASN B 306 16.88 9.21 -11.60
C ASN B 306 17.49 10.49 -11.07
N CYS B 307 16.65 11.43 -10.69
CA CYS B 307 17.14 12.67 -10.16
C CYS B 307 16.25 13.17 -9.08
N ALA B 308 16.88 13.50 -7.94
CA ALA B 308 16.15 13.94 -6.76
C ALA B 308 16.77 15.21 -6.24
N GLU B 309 15.92 16.08 -5.70
CA GLU B 309 16.35 17.35 -5.12
C GLU B 309 15.92 17.37 -3.67
N SER B 310 16.80 17.84 -2.80
CA SER B 310 16.47 17.85 -1.37
C SER B 310 17.16 18.96 -0.61
N THR B 311 16.58 19.32 0.54
CA THR B 311 17.20 20.27 1.47
C THR B 311 16.65 20.00 2.87
N ASN B 312 17.17 20.68 3.88
CA ASN B 312 16.63 20.56 5.22
C ASN B 312 15.68 21.70 5.49
N PHE B 313 14.85 21.53 6.52
CA PHE B 313 13.96 22.57 6.94
C PHE B 313 13.59 22.32 8.37
N ALA B 314 12.88 23.26 8.98
CA ALA B 314 12.58 23.16 10.39
C ALA B 314 11.15 23.58 10.65
N THR B 315 10.64 23.16 11.80
CA THR B 315 9.41 23.67 12.39
C THR B 315 9.75 24.02 13.84
N ARG B 316 8.79 24.56 14.60
CA ARG B 316 9.11 24.93 15.98
C ARG B 316 9.44 23.68 16.82
N ARG B 317 8.79 22.57 16.50
CA ARG B 317 9.02 21.31 17.21
C ARG B 317 10.47 20.87 17.12
N TRP B 318 11.10 21.16 15.98
CA TRP B 318 12.50 20.77 15.77
C TRP B 318 13.47 21.38 16.79
N ILE B 319 13.16 22.56 17.30
CA ILE B 319 14.15 23.32 18.08
C ILE B 319 14.73 22.51 19.22
N GLU B 320 13.86 21.79 19.90
CA GLU B 320 14.30 20.97 20.99
C GLU B 320 15.23 19.85 20.51
N TYR B 321 14.92 19.27 19.36
CA TYR B 321 15.78 18.22 18.81
C TYR B 321 17.13 18.79 18.46
N GLY B 322 17.09 19.97 17.83
CA GLY B 322 18.30 20.70 17.49
C GLY B 322 19.13 20.86 18.74
N LYS B 323 18.45 21.22 19.82
CA LYS B 323 19.12 21.49 21.10
C LYS B 323 19.80 20.24 21.66
N GLN B 324 19.21 19.07 21.42
CA GLN B 324 19.73 17.85 22.03
C GLN B 324 20.50 16.95 21.08
N ALA B 325 20.61 17.34 19.81
CA ALA B 325 21.24 16.48 18.82
C ALA B 325 22.65 16.12 19.25
N VAL B 326 23.00 14.84 19.14
CA VAL B 326 24.37 14.43 19.40
C VAL B 326 25.18 14.49 18.10
N LEU B 327 26.26 15.29 18.08
CA LEU B 327 26.93 15.61 16.81
C LEU B 327 28.20 14.80 16.58
N CYS B 328 28.65 14.74 15.33
CA CYS B 328 29.91 14.06 15.01
C CYS B 328 31.09 14.75 15.71
N SER B 329 31.87 13.98 16.45
CA SER B 329 32.96 14.54 17.26
C SER B 329 34.37 14.30 16.70
N CYS B 330 34.49 13.76 15.48
CA CYS B 330 35.80 13.35 14.98
C CYS B 330 36.23 14.04 13.68
N ARG B 331 35.39 14.90 13.15
CA ARG B 331 35.69 15.53 11.86
C ARG B 331 35.65 17.04 11.96
N LYS B 332 36.40 17.67 11.07
CA LYS B 332 36.59 19.12 11.10
C LYS B 332 35.29 19.88 10.91
N ASP B 333 35.01 20.37 9.71
CA ASP B 333 33.80 21.16 9.60
C ASP B 333 32.58 20.32 9.24
N MET B 334 32.12 19.55 10.24
CA MET B 334 30.84 18.87 10.20
C MET B 334 29.79 19.93 10.50
N VAL B 335 28.55 19.68 10.09
CA VAL B 335 27.52 20.69 10.23
C VAL B 335 27.10 20.85 11.70
N LYS B 336 27.29 22.05 12.20
CA LYS B 336 26.93 22.39 13.58
C LYS B 336 26.21 23.73 13.55
N ILE B 337 24.94 23.71 13.89
CA ILE B 337 24.15 24.92 13.84
C ILE B 337 24.05 25.48 15.24
N SER B 338 24.31 26.77 15.37
CA SER B 338 24.16 27.45 16.64
C SER B 338 22.69 27.53 17.03
N MET B 339 22.32 26.93 18.15
N MET B 339 22.38 26.93 18.17
CA MET B 339 20.90 26.91 18.53
CA MET B 339 21.03 26.83 18.71
C MET B 339 20.45 28.19 19.24
C MET B 339 20.49 28.15 19.25
N ASP B 340 21.42 29.03 19.61
CA ASP B 340 21.13 30.21 20.41
C ASP B 340 19.97 31.09 19.89
N VAL B 341 20.04 31.47 18.63
CA VAL B 341 19.00 32.31 18.05
C VAL B 341 17.60 31.67 18.13
N PHE B 342 17.52 30.34 18.01
CA PHE B 342 16.23 29.66 18.06
C PHE B 342 15.66 29.65 19.46
N VAL B 343 16.51 29.38 20.44
CA VAL B 343 16.02 29.34 21.80
C VAL B 343 15.61 30.77 22.17
N ARG B 344 16.45 31.72 21.80
CA ARG B 344 16.17 33.13 22.11
C ARG B 344 14.83 33.59 21.55
N LYS B 345 14.58 33.33 20.27
CA LYS B 345 13.36 33.83 19.63
C LYS B 345 12.10 33.00 19.95
N PHE B 346 12.21 31.67 20.05
CA PHE B 346 11.01 30.84 20.22
C PHE B 346 10.85 30.25 21.62
N GLN B 347 11.92 30.20 22.41
CA GLN B 347 11.82 29.76 23.80
C GLN B 347 12.40 30.79 24.80
N PRO B 348 11.91 32.05 24.76
CA PRO B 348 12.58 33.05 25.60
C PRO B 348 12.54 32.71 27.07
N GLU B 349 11.48 32.03 27.50
CA GLU B 349 11.34 31.74 28.92
C GLU B 349 12.30 30.65 29.39
N ARG B 350 12.94 29.94 28.45
CA ARG B 350 13.90 28.89 28.82
C ARG B 350 15.35 29.30 28.53
N TYR B 351 15.51 30.43 27.85
CA TYR B 351 16.82 30.83 27.35
C TYR B 351 17.86 30.94 28.44
N LYS B 352 17.54 31.68 29.49
CA LYS B 352 18.47 31.81 30.60
C LYS B 352 18.86 30.45 31.17
N LEU B 353 17.86 29.61 31.40
CA LEU B 353 18.08 28.26 31.90
C LEU B 353 18.96 27.44 30.95
N TRP B 354 18.63 27.50 29.67
CA TRP B 354 19.32 26.71 28.66
C TRP B 354 20.78 27.13 28.60
N LYS B 355 21.03 28.44 28.59
CA LYS B 355 22.39 28.97 28.55
C LYS B 355 23.20 28.53 29.77
N ALA B 356 22.52 28.30 30.88
CA ALA B 356 23.20 27.86 32.09
C ALA B 356 23.35 26.35 32.17
N GLY B 357 23.00 25.66 31.08
CA GLY B 357 23.08 24.20 31.07
C GLY B 357 22.12 23.48 32.02
N LYS B 358 21.02 24.13 32.39
CA LYS B 358 20.05 23.50 33.28
C LYS B 358 18.69 23.23 32.60
N ASP B 359 18.62 23.34 31.28
CA ASP B 359 17.37 23.02 30.59
C ASP B 359 17.26 21.52 30.39
N ASN B 360 16.45 20.87 31.23
CA ASN B 360 16.34 19.42 31.24
C ASN B 360 15.07 18.91 30.53
N THR B 361 14.55 19.69 29.60
CA THR B 361 13.40 19.30 28.80
C THR B 361 13.62 17.92 28.18
N VAL B 362 12.60 17.06 28.28
CA VAL B 362 12.64 15.71 27.74
C VAL B 362 11.77 15.63 26.49
N ILE B 363 12.33 15.12 25.40
CA ILE B 363 11.58 15.09 24.17
C ILE B 363 10.56 13.96 24.12
N ASP B 364 9.32 14.28 23.75
CA ASP B 364 8.29 13.29 23.49
C ASP B 364 8.05 13.19 21.99
N HIS B 365 8.61 12.15 21.39
CA HIS B 365 8.58 11.96 19.93
C HIS B 365 7.18 11.81 19.31
N THR B 366 6.16 11.52 20.12
CA THR B 366 4.83 11.29 19.56
C THR B 366 4.04 12.59 19.35
N LEU B 367 4.40 13.65 20.09
CA LEU B 367 3.67 14.93 20.01
C LEU B 367 3.86 15.68 18.69
N PRO B 368 2.76 16.20 18.13
CA PRO B 368 2.86 17.02 16.93
C PRO B 368 3.49 18.39 17.22
N THR B 369 3.97 19.04 16.16
CA THR B 369 4.54 20.37 16.31
C THR B 369 3.42 21.29 16.81
N PRO B 370 3.77 22.32 17.62
CA PRO B 370 2.76 23.24 18.16
C PRO B 370 1.84 23.83 17.08
N GLU B 371 2.36 24.09 15.88
CA GLU B 371 1.56 24.68 14.79
C GLU B 371 0.35 23.84 14.39
N ALA B 372 0.34 22.57 14.82
CA ALA B 372 -0.76 21.65 14.50
C ALA B 372 -1.96 21.80 15.42
N ALA B 373 -1.91 22.79 16.30
CA ALA B 373 -3.00 23.02 17.25
C ALA B 373 -4.35 23.32 16.58
N GLU B 374 -4.31 24.07 15.47
CA GLU B 374 -5.52 24.39 14.71
C GLU B 374 -6.25 23.18 14.14
N PHE B 375 -5.54 22.07 13.98
CA PHE B 375 -6.14 20.85 13.45
C PHE B 375 -6.54 19.89 14.57
NI NI C . -16.33 -12.38 -2.01
C PYR D . -18.57 -11.92 -3.77
O PYR D . -17.44 -12.50 -3.87
OXT PYR D . -19.58 -12.21 -4.45
CA PYR D . -18.74 -10.80 -2.73
O3 PYR D . -18.10 -10.85 -1.69
CB PYR D . -19.65 -9.63 -2.94
C PYR E . -22.36 -10.84 -1.91
O PYR E . -21.99 -10.13 -0.93
OXT PYR E . -23.24 -10.52 -2.76
CA PYR E . -21.67 -12.20 -2.10
O3 PYR E . -21.90 -12.84 -3.12
CB PYR E . -20.72 -12.76 -1.09
S DMS F . -8.39 -5.88 18.26
O DMS F . -7.99 -6.68 17.06
C1 DMS F . -9.29 -4.42 17.71
C2 DMS F . -6.92 -5.17 19.02
C1 EDO G . -9.55 -14.19 3.23
O1 EDO G . -10.28 -13.29 4.06
C2 EDO G . -8.04 -13.97 3.24
O2 EDO G . -7.46 -13.97 4.56
C1 EDO H . -14.26 6.40 6.97
O1 EDO H . -15.62 6.33 7.39
C2 EDO H . -14.09 7.17 5.66
O2 EDO H . -12.70 7.32 5.45
C1 EDO I . -18.27 -41.16 -3.93
O1 EDO I . -17.16 -40.55 -3.26
C2 EDO I . -17.80 -42.09 -5.05
O2 EDO I . -16.82 -42.97 -4.50
C1 EDO J . -12.03 -6.87 13.64
O1 EDO J . -12.29 -6.21 12.39
C2 EDO J . -11.61 -8.31 13.38
O2 EDO J . -11.87 -9.07 14.58
C1 EDO K . -23.51 4.29 -10.21
O1 EDO K . -23.87 5.03 -9.03
C2 EDO K . -22.07 4.60 -10.58
O2 EDO K . -21.24 4.56 -9.41
C1 EDO L . -20.84 -32.33 -10.15
O1 EDO L . -19.85 -31.99 -9.15
C2 EDO L . -20.18 -32.77 -11.45
O2 EDO L . -19.16 -33.75 -11.20
C1 EDO M . 0.46 -3.47 -9.38
O1 EDO M . -0.34 -2.36 -8.95
C2 EDO M . 1.92 -3.06 -9.48
O2 EDO M . 2.36 -2.44 -8.27
C1 EDO N . -21.23 -11.13 1.85
O1 EDO N . -21.88 -10.82 3.08
C2 EDO N . -19.71 -11.25 2.04
O2 EDO N . -19.22 -12.53 1.65
ZN ZN O . -10.59 -17.38 12.66
C1 EDO P . 39.36 14.24 -9.21
O1 EDO P . 38.73 13.49 -8.15
C2 EDO P . 40.79 13.76 -9.40
O2 EDO P . 40.82 12.37 -9.71
NI NI Q . 18.58 12.00 4.78
ZN ZN R . 32.52 11.50 13.53
C PYR S . 17.11 12.55 2.30
O PYR S . 16.94 12.88 3.52
OXT PYR S . 16.73 13.19 1.28
CA PYR S . 17.86 11.23 2.04
O3 PYR S . 18.73 10.86 2.83
CB PYR S . 17.55 10.38 0.84
C PYR T . 19.47 10.89 -1.66
O PYR T . 20.25 9.92 -1.43
OXT PYR T . 18.56 10.92 -2.54
CA PYR T . 19.64 12.15 -0.80
O3 PYR T . 18.92 13.12 -1.01
CB PYR T . 20.63 12.19 0.32
S DMS U . 34.89 -1.32 14.01
O DMS U . 33.99 -0.18 14.36
C1 DMS U . 33.99 -2.48 12.95
C2 DMS U . 35.15 -2.43 15.41
C1 EDO V . 21.55 0.84 2.58
O1 EDO V . 20.35 0.95 1.84
C2 EDO V . 21.37 1.54 3.92
O2 EDO V . 21.25 0.57 4.97
C1 EDO W . 21.15 -9.58 5.06
O1 EDO W . 20.08 -9.23 4.16
C2 EDO W . 20.68 -10.30 6.31
O2 EDO W . 20.93 -11.70 6.15
C1 EDO X . 25.17 6.82 16.29
O1 EDO X . 25.60 7.83 15.35
C2 EDO X . 26.38 6.08 16.85
O2 EDO X . 27.26 7.03 17.51
C1 EDO Y . 31.33 -3.68 7.61
O1 EDO Y . 30.80 -4.88 8.22
C2 EDO Y . 32.62 -3.25 8.33
O2 EDO Y . 33.82 -3.74 7.69
C1 EDO Z . 19.18 7.08 -22.84
O1 EDO Z . 18.30 8.08 -22.28
C2 EDO Z . 20.51 7.05 -22.09
O2 EDO Z . 21.25 5.87 -22.41
C1 EDO AA . 25.36 -0.95 -10.15
O1 EDO AA . 24.95 0.08 -11.09
C2 EDO AA . 26.11 -2.11 -10.80
O2 EDO AA . 25.48 -3.38 -10.51
C1 EDO BA . 1.26 6.38 -4.45
O1 EDO BA . 0.77 5.91 -3.19
C2 EDO BA . 2.56 5.63 -4.71
O2 EDO BA . 3.08 5.95 -6.01
C1 EDO CA . 23.15 10.22 1.97
O1 EDO CA . 22.40 11.30 2.58
C2 EDO CA . 23.71 10.61 0.59
O2 EDO CA . 24.61 9.58 0.14
C1 1KA DA . 6.56 -2.99 15.68
O1 1KA DA . 7.06 -3.63 14.47
C2 1KA DA . 5.94 -1.71 15.27
O2 1KA DA . 5.98 -0.80 16.38
C3 1KA DA . 6.62 0.47 16.12
C4 1KA DA . 5.70 1.63 16.76
O4 1KA DA . 6.26 2.10 17.94
#